data_8UE9
#
_entry.id   8UE9
#
_cell.length_a   67.069
_cell.length_b   119.776
_cell.length_c   129.708
_cell.angle_alpha   90.00
_cell.angle_beta   90.00
_cell.angle_gamma   90.00
#
_symmetry.space_group_name_H-M   'P 21 21 21'
#
loop_
_entity.id
_entity.type
_entity.pdbx_description
1 polymer 'Potassium channel subfamily K member 2'
2 non-polymer HEXADECANE
3 non-polymer N-[(2,4-dichlorophenyl)methyl]-4-(2,5-dioxopyrrolidin-1-yl)benzamide
4 non-polymer N-((E,2S,3R)-1,3-DIHYDROXYOCTADEC-4-EN-2-YL)PALMITAMIDE
5 non-polymer 'POTASSIUM ION'
6 non-polymer 'CADMIUM ION'
7 water water
#
_entity_poly.entity_id   1
_entity_poly.type   'polypeptide(L)'
_entity_poly.pdbx_seq_one_letter_code
;SDSAINVMKWKTVSTIFLVVVLYLIIGATVFKALEQPQEISQRTTIVIQREKFLRAHPCVSDQELDELIQQIVAAINAGI
IPLGASSNQVSHWDLGCSFFFAGTVITTIGFGNISPRTEGGKIFCIIYALLGIPLFGFLLAGVGDQLGTIFGKGIAKVED
TFIKWNVSQTKIRIISTIIFILFGCVLFVALPAVIFKHIEGWSALDAIYFVVITLTTIGFGDYVAGGSDIEYLDFYKPVV
WFWILVGLAYFAAVLSMIGDWLRVIAKKTKEAVGEFRAHAAEWTANV
;
_entity_poly.pdbx_strand_id   A,B
#
loop_
_chem_comp.id
_chem_comp.type
_chem_comp.name
_chem_comp.formula
16C non-polymer N-((E,2S,3R)-1,3-DIHYDROXYOCTADEC-4-EN-2-YL)PALMITAMIDE 'C34 H67 N O3'
CD non-polymer 'CADMIUM ION' 'Cd 2'
K non-polymer 'POTASSIUM ION' 'K 1'
R16 non-polymer HEXADECANE 'C16 H34'
WUU non-polymer N-[(2,4-dichlorophenyl)methyl]-4-(2,5-dioxopyrrolidin-1-yl)benzamide 'C18 H14 Cl2 N2 O3'
#
# COMPACT_ATOMS: atom_id res chain seq x y z
N SER A 1 -21.75 22.59 -26.53
CA SER A 1 -22.22 21.33 -25.96
C SER A 1 -21.06 20.45 -25.55
N ASP A 2 -19.85 21.01 -25.55
CA ASP A 2 -18.66 20.31 -25.13
C ASP A 2 -18.26 20.63 -23.70
N SER A 3 -18.41 21.90 -23.28
CA SER A 3 -18.24 22.23 -21.88
C SER A 3 -19.36 21.65 -21.02
N ALA A 4 -20.50 21.28 -21.63
CA ALA A 4 -21.59 20.72 -20.84
C ALA A 4 -21.22 19.32 -20.34
N ILE A 5 -20.45 18.57 -21.13
CA ILE A 5 -20.00 17.26 -20.67
C ILE A 5 -19.04 17.41 -19.51
N ASN A 6 -18.19 18.45 -19.56
CA ASN A 6 -17.22 18.67 -18.49
C ASN A 6 -17.90 19.10 -17.20
N VAL A 7 -18.96 19.89 -17.30
CA VAL A 7 -19.72 20.27 -16.11
C VAL A 7 -20.39 19.05 -15.50
N MET A 8 -20.91 18.15 -16.34
CA MET A 8 -21.51 16.93 -15.83
C MET A 8 -20.44 16.00 -15.26
N LYS A 9 -19.23 16.04 -15.81
CA LYS A 9 -18.12 15.30 -15.19
C LYS A 9 -17.81 15.86 -13.81
N TRP A 10 -17.64 17.18 -13.71
CA TRP A 10 -17.39 17.81 -12.41
C TRP A 10 -18.49 17.47 -11.41
N LYS A 11 -19.74 17.45 -11.87
CA LYS A 11 -20.85 17.11 -10.98
C LYS A 11 -20.69 15.70 -10.41
N THR A 12 -20.21 14.77 -11.22
CA THR A 12 -19.98 13.40 -10.73
C THR A 12 -18.80 13.34 -9.77
N VAL A 13 -17.69 14.00 -10.14
CA VAL A 13 -16.48 13.94 -9.30
C VAL A 13 -16.74 14.58 -7.94
N SER A 14 -17.45 15.71 -7.92
CA SER A 14 -17.64 16.45 -6.67
C SER A 14 -18.54 15.69 -5.70
N THR A 15 -19.53 14.94 -6.20
CA THR A 15 -20.37 14.14 -5.31
C THR A 15 -19.62 12.93 -4.79
N ILE A 16 -18.79 12.29 -5.64
CA ILE A 16 -17.97 11.18 -5.18
C ILE A 16 -16.96 11.66 -4.15
N PHE A 17 -16.37 12.84 -4.39
CA PHE A 17 -15.45 13.42 -3.43
C PHE A 17 -16.10 13.60 -2.06
N LEU A 18 -17.31 14.16 -2.03
CA LEU A 18 -18.02 14.34 -0.77
C LEU A 18 -18.32 13.00 -0.11
N VAL A 19 -18.71 12.00 -0.91
CA VAL A 19 -18.96 10.67 -0.35
C VAL A 19 -17.70 10.10 0.28
N VAL A 20 -16.55 10.28 -0.39
CA VAL A 20 -15.29 9.80 0.17
C VAL A 20 -14.95 10.55 1.45
N VAL A 21 -15.17 11.88 1.46
CA VAL A 21 -14.94 12.66 2.66
C VAL A 21 -15.83 12.16 3.80
N LEU A 22 -17.11 11.90 3.50
CA LEU A 22 -18.00 11.31 4.49
C LEU A 22 -17.47 9.96 4.98
N TYR A 23 -17.03 9.12 4.04
CA TYR A 23 -16.46 7.83 4.41
C TYR A 23 -15.29 7.99 5.38
N LEU A 24 -14.40 8.96 5.12
CA LEU A 24 -13.28 9.18 6.02
C LEU A 24 -13.75 9.72 7.38
N ILE A 25 -14.78 10.56 7.39
CA ILE A 25 -15.27 11.11 8.66
C ILE A 25 -15.90 10.01 9.50
N ILE A 26 -16.73 9.17 8.89
CA ILE A 26 -17.38 8.09 9.62
C ILE A 26 -16.34 7.10 10.13
N GLY A 27 -15.41 6.70 9.26
CA GLY A 27 -14.36 5.78 9.68
C GLY A 27 -13.49 6.34 10.78
N ALA A 28 -13.15 7.62 10.70
CA ALA A 28 -12.32 8.25 11.72
C ALA A 28 -12.99 8.17 13.10
N THR A 29 -14.27 8.52 13.17
CA THR A 29 -14.98 8.47 14.45
C THR A 29 -15.09 7.03 14.97
N VAL A 30 -15.24 6.06 14.07
CA VAL A 30 -15.32 4.66 14.50
C VAL A 30 -13.97 4.17 14.99
N PHE A 31 -12.91 4.42 14.22
CA PHE A 31 -11.58 4.01 14.65
C PHE A 31 -11.18 4.71 15.95
N LYS A 32 -11.58 5.97 16.12
CA LYS A 32 -11.36 6.66 17.38
C LYS A 32 -12.06 5.94 18.53
N ALA A 33 -13.35 5.64 18.36
CA ALA A 33 -14.12 5.01 19.43
C ALA A 33 -13.58 3.62 19.77
N LEU A 34 -13.04 2.91 18.79
CA LEU A 34 -12.56 1.54 19.03
C LEU A 34 -11.14 1.53 19.59
N GLU A 35 -10.26 2.38 19.08
CA GLU A 35 -8.84 2.29 19.41
C GLU A 35 -8.42 3.20 20.56
N GLN A 36 -9.19 4.25 20.87
CA GLN A 36 -8.76 5.15 21.95
C GLN A 36 -8.92 4.51 23.32
N PRO A 37 -10.01 3.83 23.66
CA PRO A 37 -10.07 3.19 25.00
C PRO A 37 -8.98 2.16 25.22
N GLN A 38 -8.65 1.36 24.20
CA GLN A 38 -7.58 0.38 24.32
C GLN A 38 -6.25 1.09 24.55
N GLU A 39 -6.08 2.28 23.97
CA GLU A 39 -4.84 3.03 24.12
C GLU A 39 -4.64 3.49 25.55
N ILE A 40 -5.75 3.71 26.29
CA ILE A 40 -5.66 4.08 27.69
C ILE A 40 -5.05 2.95 28.51
N SER A 41 -5.45 1.70 28.24
CA SER A 41 -5.02 0.57 29.05
C SER A 41 -3.51 0.36 28.95
N GLN A 42 -2.97 0.35 27.73
CA GLN A 42 -1.56 0.00 27.56
C GLN A 42 -0.61 1.15 27.89
N ARG A 43 -1.10 2.38 27.97
CA ARG A 43 -0.27 3.48 28.43
C ARG A 43 -0.28 3.63 29.94
N THR A 44 -1.25 3.02 30.63
CA THR A 44 -1.17 2.89 32.07
C THR A 44 -0.27 1.73 32.49
N THR A 45 -0.13 0.70 31.64
CA THR A 45 0.75 -0.40 31.96
C THR A 45 2.23 -0.04 31.78
N ILE A 46 2.54 0.87 30.86
CA ILE A 46 3.94 1.28 30.71
C ILE A 46 4.37 2.17 31.87
N VAL A 47 3.47 2.99 32.41
CA VAL A 47 3.86 3.88 33.50
C VAL A 47 3.94 3.16 34.84
N ILE A 48 3.15 2.09 35.05
CA ILE A 48 3.27 1.33 36.28
C ILE A 48 4.59 0.56 36.32
N GLN A 49 4.93 -0.11 35.21
CA GLN A 49 6.16 -0.89 35.18
C GLN A 49 7.40 -0.05 34.96
N ARG A 50 7.24 1.19 34.47
CA ARG A 50 8.36 2.11 34.47
C ARG A 50 8.81 2.35 35.90
N GLU A 51 7.95 2.98 36.71
CA GLU A 51 8.29 3.26 38.09
C GLU A 51 8.56 1.99 38.87
N LYS A 52 7.89 0.89 38.51
CA LYS A 52 8.15 -0.39 39.14
C LYS A 52 9.60 -0.82 38.91
N PHE A 53 10.08 -0.70 37.68
CA PHE A 53 11.47 -1.02 37.39
C PHE A 53 12.42 -0.09 38.14
N LEU A 54 12.03 1.18 38.32
CA LEU A 54 12.78 2.06 39.20
C LEU A 54 12.70 1.57 40.64
N ARG A 55 11.50 1.19 41.08
CA ARG A 55 11.35 0.65 42.44
C ARG A 55 12.08 -0.68 42.58
N ALA A 56 11.94 -1.56 41.60
CA ALA A 56 12.56 -2.88 41.69
C ALA A 56 14.08 -2.79 41.61
N HIS A 57 14.59 -1.73 40.99
CA HIS A 57 16.03 -1.50 40.84
C HIS A 57 16.30 -0.08 41.30
N PRO A 58 16.41 0.14 42.61
CA PRO A 58 16.73 1.49 43.11
C PRO A 58 18.10 1.98 42.73
N CYS A 59 19.03 1.08 42.40
CA CYS A 59 20.36 1.49 41.95
C CYS A 59 20.29 2.25 40.63
N VAL A 60 19.37 1.85 39.74
CA VAL A 60 19.20 2.56 38.47
C VAL A 60 18.66 3.95 38.73
N SER A 61 19.35 4.95 38.21
CA SER A 61 18.95 6.34 38.37
C SER A 61 17.81 6.68 37.42
N ASP A 62 16.93 7.59 37.86
CA ASP A 62 15.94 8.18 36.96
C ASP A 62 16.62 8.90 35.80
N GLN A 63 17.65 9.70 36.11
CA GLN A 63 18.38 10.41 35.07
C GLN A 63 19.13 9.48 34.12
N GLU A 64 19.54 8.30 34.58
CA GLU A 64 20.31 7.41 33.72
C GLU A 64 19.46 6.39 32.97
N LEU A 65 18.20 6.18 33.39
CA LEU A 65 17.33 5.28 32.63
C LEU A 65 16.66 5.99 31.45
N ASP A 66 16.29 7.26 31.63
CA ASP A 66 15.72 8.03 30.53
C ASP A 66 16.74 8.26 29.42
N GLU A 67 18.03 8.35 29.77
CA GLU A 67 19.06 8.47 28.75
C GLU A 67 19.21 7.19 27.95
N LEU A 68 18.84 6.05 28.54
CA LEU A 68 18.90 4.79 27.81
C LEU A 68 17.75 4.67 26.82
N ILE A 69 16.55 5.13 27.20
CA ILE A 69 15.38 4.99 26.34
C ILE A 69 15.56 5.76 25.03
N GLN A 70 16.23 6.93 25.10
CA GLN A 70 16.31 7.78 23.91
C GLN A 70 17.16 7.15 22.82
N GLN A 71 18.27 6.50 23.18
CA GLN A 71 19.11 5.89 22.16
C GLN A 71 18.55 4.56 21.68
N ILE A 72 17.71 3.90 22.49
CA ILE A 72 16.91 2.79 21.98
C ILE A 72 15.98 3.29 20.89
N VAL A 73 15.20 4.32 21.19
CA VAL A 73 14.32 4.92 20.20
C VAL A 73 15.13 5.41 19.00
N ALA A 74 16.26 6.06 19.28
CA ALA A 74 17.13 6.52 18.20
C ALA A 74 17.67 5.36 17.37
N ALA A 75 17.82 4.18 17.98
CA ALA A 75 18.26 3.01 17.24
C ALA A 75 17.13 2.39 16.42
N ILE A 76 15.87 2.60 16.83
CA ILE A 76 14.75 2.14 16.03
C ILE A 76 14.69 2.90 14.72
N ASN A 77 15.08 4.17 14.73
CA ASN A 77 15.10 4.99 13.52
C ASN A 77 16.08 4.44 12.48
N SER A 91 20.91 -10.78 10.92
CA SER A 91 20.98 -9.77 9.87
C SER A 91 19.58 -9.46 9.33
N HIS A 92 19.32 -8.18 9.08
CA HIS A 92 18.08 -7.75 8.43
C HIS A 92 18.21 -7.63 6.92
N TRP A 93 19.41 -7.76 6.36
CA TRP A 93 19.62 -7.55 4.93
C TRP A 93 20.38 -8.70 4.27
N ASP A 94 20.26 -9.91 4.79
CA ASP A 94 20.78 -11.05 4.04
C ASP A 94 19.97 -11.25 2.77
N LEU A 95 20.46 -12.15 1.91
CA LEU A 95 19.84 -12.32 0.60
C LEU A 95 18.38 -12.73 0.69
N GLY A 96 17.99 -13.42 1.78
CA GLY A 96 16.60 -13.77 1.95
C GLY A 96 15.71 -12.56 2.21
N CYS A 97 16.12 -11.69 3.13
CA CYS A 97 15.31 -10.52 3.46
C CYS A 97 15.32 -9.50 2.32
N SER A 98 16.48 -9.27 1.70
CA SER A 98 16.53 -8.35 0.56
C SER A 98 15.67 -8.85 -0.59
N PHE A 99 15.57 -10.16 -0.77
CA PHE A 99 14.64 -10.72 -1.74
C PHE A 99 13.20 -10.41 -1.33
N PHE A 100 12.87 -10.68 -0.06
CA PHE A 100 11.54 -10.34 0.45
C PHE A 100 11.28 -8.85 0.36
N PHE A 101 12.28 -8.03 0.70
CA PHE A 101 12.11 -6.58 0.60
C PHE A 101 11.84 -6.16 -0.83
N ALA A 102 12.55 -6.75 -1.80
CA ALA A 102 12.28 -6.45 -3.20
C ALA A 102 10.87 -6.82 -3.59
N GLY A 103 10.31 -7.87 -2.95
CA GLY A 103 8.92 -8.21 -3.20
C GLY A 103 7.96 -7.18 -2.64
N THR A 104 8.21 -6.71 -1.41
CA THR A 104 7.36 -5.69 -0.80
C THR A 104 7.38 -4.39 -1.58
N VAL A 105 8.38 -4.17 -2.42
CA VAL A 105 8.46 -2.95 -3.22
C VAL A 105 7.60 -3.07 -4.48
N ILE A 106 7.89 -4.07 -5.31
CA ILE A 106 7.22 -4.17 -6.61
C ILE A 106 5.76 -4.58 -6.47
N THR A 107 5.36 -5.13 -5.34
CA THR A 107 3.96 -5.45 -5.08
C THR A 107 3.19 -4.30 -4.43
N THR A 108 3.89 -3.23 -4.05
CA THR A 108 3.36 -2.10 -3.28
C THR A 108 2.86 -2.51 -1.90
N ILE A 109 3.15 -3.73 -1.46
CA ILE A 109 2.86 -4.12 -0.08
C ILE A 109 4.03 -3.69 0.79
N GLY A 110 4.27 -2.39 0.87
CA GLY A 110 5.43 -1.89 1.58
C GLY A 110 5.31 -2.04 3.08
N PHE A 111 5.60 -3.26 3.57
CA PHE A 111 5.48 -3.54 5.01
C PHE A 111 6.34 -2.59 5.83
N GLY A 112 7.51 -2.23 5.31
CA GLY A 112 8.35 -1.22 5.95
C GLY A 112 9.05 -1.67 7.21
N ASN A 113 8.91 -2.93 7.61
CA ASN A 113 9.66 -3.43 8.77
C ASN A 113 11.15 -3.24 8.55
N ILE A 114 11.63 -3.39 7.31
CA ILE A 114 12.98 -3.02 6.91
C ILE A 114 12.87 -2.14 5.68
N SER A 115 13.63 -1.05 5.68
CA SER A 115 13.58 -0.07 4.60
C SER A 115 14.97 0.55 4.47
N PRO A 116 15.35 1.01 3.27
CA PRO A 116 16.71 1.52 3.09
C PRO A 116 16.90 2.83 3.82
N ARG A 117 18.04 2.93 4.52
CA ARG A 117 18.46 4.17 5.14
C ARG A 117 19.75 4.73 4.58
N THR A 118 20.57 3.88 3.95
CA THR A 118 21.66 4.40 3.13
C THR A 118 21.07 5.22 1.99
N GLU A 119 21.58 6.44 1.80
CA GLU A 119 21.02 7.32 0.79
C GLU A 119 21.22 6.77 -0.61
N GLY A 120 22.26 5.94 -0.81
CA GLY A 120 22.34 5.20 -2.06
C GLY A 120 21.25 4.16 -2.19
N GLY A 121 20.90 3.48 -1.10
CA GLY A 121 19.83 2.51 -1.13
C GLY A 121 18.48 3.14 -1.41
N LYS A 122 18.28 4.40 -1.02
CA LYS A 122 17.02 5.08 -1.30
C LYS A 122 16.92 5.45 -2.78
N ILE A 123 18.04 5.82 -3.40
CA ILE A 123 18.04 6.12 -4.84
C ILE A 123 17.68 4.86 -5.63
N PHE A 124 18.34 3.74 -5.32
CA PHE A 124 18.04 2.50 -6.01
C PHE A 124 16.60 2.06 -5.77
N CYS A 125 16.09 2.30 -4.55
CA CYS A 125 14.70 1.95 -4.26
C CYS A 125 13.74 2.72 -5.17
N ILE A 126 14.09 3.96 -5.51
CA ILE A 126 13.26 4.74 -6.43
C ILE A 126 13.28 4.12 -7.82
N ILE A 127 14.49 3.82 -8.32
CA ILE A 127 14.61 3.22 -9.65
C ILE A 127 13.98 1.84 -9.68
N TYR A 128 14.21 1.04 -8.63
CA TYR A 128 13.67 -0.32 -8.60
C TYR A 128 12.15 -0.31 -8.64
N ALA A 129 11.52 0.63 -7.92
CA ALA A 129 10.07 0.69 -7.88
C ALA A 129 9.49 1.16 -9.21
N LEU A 130 10.08 2.19 -9.81
CA LEU A 130 9.51 2.76 -11.03
C LEU A 130 9.49 1.75 -12.17
N LEU A 131 10.47 0.85 -12.21
CA LEU A 131 10.46 -0.23 -13.19
C LEU A 131 9.80 -1.48 -12.67
N GLY A 132 9.87 -1.73 -11.36
CA GLY A 132 9.32 -2.97 -10.81
C GLY A 132 7.81 -3.00 -10.81
N ILE A 133 7.16 -1.89 -10.44
CA ILE A 133 5.69 -1.88 -10.37
C ILE A 133 5.05 -2.23 -11.70
N PRO A 134 5.41 -1.60 -12.83
CA PRO A 134 4.80 -2.02 -14.10
C PRO A 134 5.13 -3.46 -14.48
N LEU A 135 6.39 -3.87 -14.29
CA LEU A 135 6.78 -5.22 -14.68
C LEU A 135 6.02 -6.28 -13.89
N PHE A 136 5.90 -6.08 -12.57
CA PHE A 136 5.12 -7.02 -11.78
C PHE A 136 3.64 -6.94 -12.15
N GLY A 137 3.18 -5.77 -12.62
CA GLY A 137 1.80 -5.66 -13.06
C GLY A 137 1.51 -6.58 -14.24
N PHE A 138 2.48 -6.74 -15.14
CA PHE A 138 2.32 -7.69 -16.23
C PHE A 138 2.18 -9.12 -15.71
N LEU A 139 3.02 -9.49 -14.73
CA LEU A 139 2.93 -10.82 -14.14
C LEU A 139 1.57 -11.03 -13.47
N LEU A 140 1.13 -10.06 -12.67
CA LEU A 140 -0.12 -10.20 -11.95
C LEU A 140 -1.31 -10.27 -12.91
N ALA A 141 -1.22 -9.59 -14.05
CA ALA A 141 -2.28 -9.71 -15.06
C ALA A 141 -2.29 -11.09 -15.68
N GLY A 142 -1.11 -11.63 -16.01
CA GLY A 142 -1.05 -12.96 -16.61
C GLY A 142 -1.52 -14.05 -15.67
N VAL A 143 -1.19 -13.94 -14.38
CA VAL A 143 -1.66 -14.91 -13.41
C VAL A 143 -3.17 -14.83 -13.24
N GLY A 144 -3.72 -13.61 -13.18
CA GLY A 144 -5.16 -13.45 -13.10
C GLY A 144 -5.88 -13.98 -14.32
N ASP A 145 -5.29 -13.78 -15.51
CA ASP A 145 -5.88 -14.34 -16.72
C ASP A 145 -5.90 -15.86 -16.68
N GLN A 146 -4.82 -16.48 -16.20
CA GLN A 146 -4.79 -17.93 -16.09
C GLN A 146 -5.82 -18.43 -15.08
N LEU A 147 -5.87 -17.79 -13.90
CA LEU A 147 -6.88 -18.14 -12.91
C LEU A 147 -8.29 -17.90 -13.43
N GLY A 148 -8.46 -16.90 -14.29
CA GLY A 148 -9.77 -16.63 -14.85
C GLY A 148 -10.28 -17.76 -15.73
N THR A 149 -9.40 -18.31 -16.57
CA THR A 149 -9.80 -19.39 -17.47
C THR A 149 -10.03 -20.69 -16.70
N ILE A 150 -9.23 -20.95 -15.66
CA ILE A 150 -9.41 -22.14 -14.84
C ILE A 150 -10.80 -22.12 -14.19
N PHE A 151 -11.15 -21.00 -13.55
CA PHE A 151 -12.48 -20.86 -12.97
C PHE A 151 -13.56 -20.80 -14.04
N GLY A 152 -13.22 -20.36 -15.26
CA GLY A 152 -14.20 -20.26 -16.32
C GLY A 152 -14.77 -21.62 -16.71
N LYS A 153 -13.89 -22.60 -16.95
CA LYS A 153 -14.37 -23.95 -17.27
C LYS A 153 -15.21 -24.51 -16.14
N GLY A 154 -14.75 -24.35 -14.89
CA GLY A 154 -15.54 -24.82 -13.76
C GLY A 154 -16.89 -24.15 -13.67
N ILE A 155 -16.92 -22.83 -13.85
CA ILE A 155 -18.20 -22.13 -13.81
C ILE A 155 -19.04 -22.37 -15.06
N ALA A 156 -18.41 -22.74 -16.17
CA ALA A 156 -19.19 -23.06 -17.37
C ALA A 156 -19.86 -24.42 -17.22
N LYS A 157 -19.17 -25.39 -16.60
CA LYS A 157 -19.76 -26.70 -16.36
C LYS A 157 -20.99 -26.59 -15.46
N VAL A 158 -20.89 -25.83 -14.37
CA VAL A 158 -22.02 -25.76 -13.45
C VAL A 158 -23.11 -24.83 -13.99
N GLU A 159 -22.77 -23.93 -14.90
CA GLU A 159 -23.79 -23.14 -15.59
C GLU A 159 -24.70 -24.05 -16.41
N ASP A 160 -24.09 -24.96 -17.18
CA ASP A 160 -24.85 -25.85 -18.06
C ASP A 160 -25.61 -26.90 -17.28
N THR A 161 -25.25 -27.17 -16.02
CA THR A 161 -26.13 -28.02 -15.21
C THR A 161 -27.34 -27.25 -14.73
N PHE A 162 -27.19 -25.96 -14.43
CA PHE A 162 -28.33 -25.17 -13.97
C PHE A 162 -29.33 -24.90 -15.10
N ILE A 163 -28.86 -24.73 -16.33
CA ILE A 163 -29.77 -24.47 -17.44
C ILE A 163 -30.73 -25.62 -17.69
N LYS A 164 -30.51 -26.77 -17.07
CA LYS A 164 -31.36 -27.94 -17.31
C LYS A 164 -32.64 -27.86 -16.50
N TRP A 165 -32.52 -27.81 -15.17
CA TRP A 165 -33.69 -27.65 -14.33
C TRP A 165 -34.14 -26.19 -14.21
N ASN A 166 -33.20 -25.25 -14.11
CA ASN A 166 -33.59 -23.85 -13.97
C ASN A 166 -34.05 -23.32 -15.32
N VAL A 167 -35.12 -22.51 -15.28
CA VAL A 167 -35.75 -21.97 -16.48
C VAL A 167 -34.86 -20.92 -17.16
N SER A 168 -34.82 -19.72 -16.57
CA SER A 168 -34.33 -18.53 -17.24
C SER A 168 -33.02 -18.06 -16.63
N GLN A 169 -32.33 -17.18 -17.35
CA GLN A 169 -31.04 -16.67 -16.92
C GLN A 169 -31.23 -15.38 -16.12
N THR A 170 -30.17 -14.57 -16.03
CA THR A 170 -30.02 -13.40 -15.15
C THR A 170 -29.97 -13.82 -13.69
N LYS A 171 -30.33 -15.08 -13.39
CA LYS A 171 -30.22 -15.62 -12.05
C LYS A 171 -29.01 -16.51 -11.87
N ILE A 172 -28.55 -17.19 -12.93
CA ILE A 172 -27.42 -18.09 -12.82
C ILE A 172 -26.13 -17.31 -12.59
N ARG A 173 -26.03 -16.10 -13.14
CA ARG A 173 -24.84 -15.28 -12.92
C ARG A 173 -24.71 -14.90 -11.44
N ILE A 174 -25.83 -14.65 -10.76
CA ILE A 174 -25.78 -14.30 -9.35
C ILE A 174 -25.28 -15.49 -8.53
N ILE A 175 -25.79 -16.69 -8.84
CA ILE A 175 -25.32 -17.90 -8.17
C ILE A 175 -23.83 -18.10 -8.44
N SER A 176 -23.42 -17.96 -9.69
CA SER A 176 -22.04 -18.21 -10.08
C SER A 176 -21.07 -17.28 -9.35
N THR A 177 -21.47 -16.02 -9.12
CA THR A 177 -20.59 -15.09 -8.42
C THR A 177 -20.42 -15.48 -6.96
N ILE A 178 -21.40 -16.19 -6.39
CA ILE A 178 -21.28 -16.63 -5.00
C ILE A 178 -20.25 -17.75 -4.87
N ILE A 179 -20.24 -18.67 -5.84
CA ILE A 179 -19.22 -19.72 -5.86
C ILE A 179 -17.83 -19.11 -5.93
N PHE A 180 -17.66 -18.06 -6.76
CA PHE A 180 -16.36 -17.41 -6.88
C PHE A 180 -15.89 -16.85 -5.54
N ILE A 181 -16.81 -16.33 -4.75
CA ILE A 181 -16.44 -15.77 -3.45
C ILE A 181 -16.10 -16.89 -2.47
N LEU A 182 -16.99 -17.87 -2.32
CA LEU A 182 -16.81 -18.91 -1.31
C LEU A 182 -15.55 -19.73 -1.58
N PHE A 183 -15.38 -20.17 -2.83
CA PHE A 183 -14.15 -20.86 -3.19
C PHE A 183 -12.92 -19.96 -2.99
N GLY A 184 -12.96 -18.76 -3.57
CA GLY A 184 -11.85 -17.83 -3.41
C GLY A 184 -11.53 -17.51 -1.97
N CYS A 185 -12.56 -17.44 -1.12
CA CYS A 185 -12.31 -17.20 0.30
C CYS A 185 -11.64 -18.40 0.94
N VAL A 186 -12.09 -19.61 0.60
CA VAL A 186 -11.51 -20.81 1.19
C VAL A 186 -10.09 -21.04 0.67
N LEU A 187 -9.87 -20.82 -0.63
CA LEU A 187 -8.54 -21.03 -1.20
C LEU A 187 -7.55 -19.96 -0.74
N PHE A 188 -7.91 -18.68 -0.87
CA PHE A 188 -6.96 -17.59 -0.73
C PHE A 188 -7.06 -16.85 0.59
N VAL A 189 -8.08 -17.11 1.41
CA VAL A 189 -8.23 -16.42 2.69
C VAL A 189 -8.31 -17.40 3.83
N ALA A 190 -9.28 -18.32 3.77
CA ALA A 190 -9.53 -19.22 4.88
C ALA A 190 -8.36 -20.19 5.09
N LEU A 191 -7.95 -20.90 4.03
CA LEU A 191 -6.87 -21.88 4.17
C LEU A 191 -5.55 -21.26 4.61
N PRO A 192 -5.03 -20.19 3.98
CA PRO A 192 -3.77 -19.63 4.48
C PRO A 192 -3.87 -19.04 5.88
N ALA A 193 -5.03 -18.50 6.26
CA ALA A 193 -5.20 -18.02 7.63
C ALA A 193 -5.10 -19.16 8.64
N VAL A 194 -5.57 -20.36 8.27
CA VAL A 194 -5.42 -21.51 9.16
C VAL A 194 -3.95 -21.86 9.33
N ILE A 195 -3.21 -21.86 8.23
CA ILE A 195 -1.79 -22.18 8.30
C ILE A 195 -1.01 -21.06 8.99
N PHE A 196 -1.42 -19.81 8.75
CA PHE A 196 -0.71 -18.68 9.36
C PHE A 196 -0.84 -18.70 10.88
N LYS A 197 -2.01 -19.06 11.41
CA LYS A 197 -2.17 -19.09 12.85
C LYS A 197 -1.35 -20.22 13.48
N HIS A 198 -1.19 -21.33 12.78
CA HIS A 198 -0.39 -22.44 13.29
C HIS A 198 1.10 -22.15 13.16
N ILE A 199 1.53 -21.69 11.98
CA ILE A 199 2.96 -21.50 11.73
C ILE A 199 3.46 -20.26 12.46
N GLU A 200 2.76 -19.14 12.32
CA GLU A 200 3.20 -17.88 12.90
C GLU A 200 2.76 -17.69 14.34
N GLY A 201 1.88 -18.54 14.86
CA GLY A 201 1.37 -18.37 16.21
C GLY A 201 0.51 -17.14 16.38
N TRP A 202 -0.31 -16.82 15.39
CA TRP A 202 -1.20 -15.67 15.42
C TRP A 202 -2.61 -16.10 15.81
N SER A 203 -3.43 -15.13 16.18
CA SER A 203 -4.83 -15.40 16.44
C SER A 203 -5.57 -15.63 15.11
N ALA A 204 -6.74 -16.26 15.21
CA ALA A 204 -7.54 -16.52 14.02
C ALA A 204 -7.91 -15.21 13.31
N LEU A 205 -8.32 -14.19 14.09
CA LEU A 205 -8.64 -12.90 13.50
C LEU A 205 -7.41 -12.23 12.92
N ASP A 206 -6.28 -12.29 13.64
CA ASP A 206 -5.04 -11.70 13.15
C ASP A 206 -4.61 -12.33 11.84
N ALA A 207 -4.87 -13.62 11.66
CA ALA A 207 -4.54 -14.29 10.40
C ALA A 207 -5.39 -13.74 9.26
N ILE A 208 -6.71 -13.63 9.47
CA ILE A 208 -7.57 -12.99 8.48
C ILE A 208 -7.17 -11.53 8.29
N TYR A 209 -6.84 -10.85 9.38
CA TYR A 209 -6.39 -9.46 9.31
C TYR A 209 -5.13 -9.34 8.44
N PHE A 210 -4.16 -10.21 8.66
CA PHE A 210 -2.95 -10.19 7.85
C PHE A 210 -3.25 -10.50 6.38
N VAL A 211 -4.10 -11.51 6.14
CA VAL A 211 -4.39 -11.93 4.76
C VAL A 211 -4.98 -10.76 3.97
N VAL A 212 -5.97 -10.07 4.56
CA VAL A 212 -6.64 -9.00 3.84
C VAL A 212 -5.75 -7.78 3.71
N ILE A 213 -5.05 -7.42 4.79
CA ILE A 213 -4.16 -6.26 4.75
C ILE A 213 -3.05 -6.47 3.73
N THR A 214 -2.59 -7.71 3.57
CA THR A 214 -1.52 -7.99 2.61
C THR A 214 -2.05 -8.03 1.18
N LEU A 215 -3.15 -8.75 0.96
CA LEU A 215 -3.63 -8.95 -0.40
C LEU A 215 -4.30 -7.70 -0.96
N THR A 216 -4.73 -6.77 -0.12
CA THR A 216 -5.17 -5.45 -0.58
C THR A 216 -4.02 -4.50 -0.84
N THR A 217 -2.77 -4.93 -0.60
CA THR A 217 -1.56 -4.13 -0.76
C THR A 217 -1.49 -2.96 0.22
N ILE A 218 -2.28 -3.01 1.31
CA ILE A 218 -2.14 -1.99 2.34
C ILE A 218 -0.82 -2.14 3.08
N GLY A 219 -0.56 -3.35 3.60
CA GLY A 219 0.73 -3.67 4.18
C GLY A 219 1.16 -2.79 5.34
N PHE A 220 0.44 -2.86 6.46
CA PHE A 220 0.77 -2.05 7.62
C PHE A 220 2.15 -2.41 8.16
N GLY A 221 2.42 -3.71 8.31
CA GLY A 221 3.67 -4.19 8.87
C GLY A 221 3.56 -4.70 10.30
N ASP A 222 2.42 -4.52 10.95
CA ASP A 222 2.23 -5.08 12.28
C ASP A 222 2.19 -6.60 12.26
N TYR A 223 1.84 -7.21 11.13
CA TYR A 223 1.84 -8.66 10.97
C TYR A 223 2.52 -9.00 9.65
N VAL A 224 3.56 -9.83 9.71
CA VAL A 224 4.30 -10.25 8.53
C VAL A 224 4.55 -11.75 8.65
N ALA A 225 4.06 -12.53 7.68
CA ALA A 225 4.34 -13.95 7.66
C ALA A 225 5.80 -14.19 7.36
N GLY A 226 6.44 -15.07 8.13
CA GLY A 226 7.86 -15.26 8.01
C GLY A 226 8.70 -14.14 8.61
N GLY A 227 8.07 -13.16 9.26
CA GLY A 227 8.82 -12.03 9.78
C GLY A 227 9.46 -12.27 11.12
N SER A 228 8.84 -13.09 11.97
CA SER A 228 9.43 -13.39 13.27
C SER A 228 10.62 -14.32 13.10
N ASP A 229 11.57 -14.22 14.03
CA ASP A 229 12.80 -15.00 13.94
C ASP A 229 12.62 -16.37 14.60
N ILE A 230 11.66 -17.12 14.07
CA ILE A 230 11.42 -18.49 14.48
C ILE A 230 11.74 -19.44 13.32
N GLU A 231 11.84 -20.72 13.64
CA GLU A 231 12.14 -21.73 12.64
C GLU A 231 11.00 -21.86 11.65
N TYR A 232 11.34 -21.93 10.36
CA TYR A 232 10.36 -22.04 9.29
C TYR A 232 10.74 -23.16 8.34
N LEU A 233 9.74 -23.91 7.90
CA LEU A 233 9.99 -25.05 7.03
C LEU A 233 10.45 -24.57 5.66
N ASP A 234 11.22 -25.42 4.98
CA ASP A 234 11.84 -25.03 3.72
C ASP A 234 10.82 -24.62 2.66
N PHE A 235 9.64 -25.26 2.64
CA PHE A 235 8.63 -24.91 1.66
C PHE A 235 7.76 -23.73 2.08
N TYR A 236 7.89 -23.22 3.31
CA TYR A 236 6.87 -22.31 3.83
C TYR A 236 6.85 -20.99 3.07
N LYS A 237 7.95 -20.23 3.15
CA LYS A 237 7.99 -18.94 2.44
C LYS A 237 7.83 -19.08 0.93
N PRO A 238 8.33 -20.12 0.25
CA PRO A 238 8.00 -20.27 -1.18
C PRO A 238 6.50 -20.33 -1.44
N VAL A 239 5.75 -21.13 -0.68
CA VAL A 239 4.31 -21.24 -0.93
C VAL A 239 3.61 -19.94 -0.56
N VAL A 240 4.15 -19.18 0.40
CA VAL A 240 3.58 -17.88 0.71
C VAL A 240 3.81 -16.91 -0.45
N TRP A 241 5.00 -16.99 -1.07
CA TRP A 241 5.23 -16.24 -2.30
C TRP A 241 4.20 -16.61 -3.35
N PHE A 242 3.90 -17.90 -3.48
CA PHE A 242 2.88 -18.35 -4.42
C PHE A 242 1.50 -17.85 -4.01
N TRP A 243 1.22 -17.87 -2.70
CA TRP A 243 -0.03 -17.31 -2.20
C TRP A 243 -0.12 -15.82 -2.51
N ILE A 244 0.99 -15.09 -2.36
CA ILE A 244 1.00 -13.67 -2.71
C ILE A 244 0.63 -13.48 -4.18
N LEU A 245 1.17 -14.32 -5.06
CA LEU A 245 0.93 -14.18 -6.49
C LEU A 245 -0.55 -14.35 -6.82
N VAL A 246 -1.11 -15.51 -6.50
CA VAL A 246 -2.51 -15.79 -6.83
C VAL A 246 -3.45 -15.00 -5.93
N GLY A 247 -3.02 -14.71 -4.69
CA GLY A 247 -3.87 -13.93 -3.80
C GLY A 247 -4.10 -12.51 -4.27
N LEU A 248 -3.04 -11.84 -4.75
CA LEU A 248 -3.19 -10.48 -5.26
C LEU A 248 -4.10 -10.45 -6.49
N ALA A 249 -4.01 -11.49 -7.34
CA ALA A 249 -4.92 -11.57 -8.49
C ALA A 249 -6.37 -11.72 -8.03
N TYR A 250 -6.61 -12.55 -7.01
CA TYR A 250 -7.97 -12.76 -6.52
C TYR A 250 -8.53 -11.49 -5.90
N PHE A 251 -7.78 -10.87 -4.99
CA PHE A 251 -8.26 -9.65 -4.34
C PHE A 251 -8.44 -8.51 -5.35
N ALA A 252 -7.65 -8.50 -6.41
CA ALA A 252 -7.84 -7.50 -7.46
C ALA A 252 -9.21 -7.67 -8.12
N ALA A 253 -9.59 -8.91 -8.42
CA ALA A 253 -10.91 -9.16 -9.01
C ALA A 253 -12.02 -8.87 -8.02
N VAL A 254 -11.84 -9.27 -6.76
CA VAL A 254 -12.88 -9.03 -5.74
C VAL A 254 -13.09 -7.53 -5.54
N LEU A 255 -11.99 -6.79 -5.40
CA LEU A 255 -12.11 -5.34 -5.21
C LEU A 255 -12.78 -4.68 -6.41
N SER A 256 -12.50 -5.18 -7.62
CA SER A 256 -13.14 -4.64 -8.81
C SER A 256 -14.63 -5.02 -8.84
N MET A 257 -14.97 -6.21 -8.37
CA MET A 257 -16.37 -6.62 -8.31
C MET A 257 -17.13 -5.80 -7.29
N ILE A 258 -16.54 -5.59 -6.10
CA ILE A 258 -17.16 -4.72 -5.12
C ILE A 258 -17.39 -3.32 -5.70
N GLY A 259 -16.46 -2.85 -6.53
CA GLY A 259 -16.65 -1.59 -7.21
C GLY A 259 -17.82 -1.63 -8.18
N ASP A 260 -18.00 -2.75 -8.87
CA ASP A 260 -19.15 -2.91 -9.75
C ASP A 260 -20.45 -2.92 -8.96
N TRP A 261 -20.46 -3.54 -7.79
CA TRP A 261 -21.63 -3.51 -6.93
C TRP A 261 -21.95 -2.09 -6.50
N LEU A 262 -20.92 -1.32 -6.12
CA LEU A 262 -21.12 0.06 -5.73
C LEU A 262 -21.69 0.89 -6.87
N ARG A 263 -21.34 0.57 -8.12
CA ARG A 263 -21.90 1.28 -9.25
C ARG A 263 -23.39 0.99 -9.41
N VAL A 264 -23.79 -0.26 -9.13
CA VAL A 264 -25.21 -0.61 -9.22
C VAL A 264 -25.98 0.03 -8.07
N ILE A 265 -25.42 -0.02 -6.86
CA ILE A 265 -26.08 0.58 -5.70
C ILE A 265 -26.18 2.09 -5.89
N ALA A 266 -25.20 2.70 -6.55
CA ALA A 266 -25.26 4.14 -6.81
C ALA A 266 -26.41 4.50 -7.73
N LYS A 267 -26.73 3.61 -8.68
CA LYS A 267 -27.85 3.88 -9.59
C LYS A 267 -29.19 3.58 -8.92
N LYS A 268 -29.25 2.53 -8.09
CA LYS A 268 -30.48 2.24 -7.37
C LYS A 268 -30.80 3.33 -6.36
N THR A 269 -29.79 3.83 -5.64
CA THR A 269 -30.04 4.93 -4.71
C THR A 269 -30.44 6.20 -5.45
N LYS A 270 -29.84 6.44 -6.62
CA LYS A 270 -30.25 7.58 -7.43
C LYS A 270 -31.68 7.41 -7.93
N GLU A 271 -32.07 6.18 -8.25
CA GLU A 271 -33.45 5.91 -8.65
C GLU A 271 -34.39 5.89 -7.46
N ALA A 272 -33.91 5.39 -6.31
CA ALA A 272 -34.73 5.37 -5.10
C ALA A 272 -35.09 6.78 -4.65
N VAL A 273 -34.12 7.70 -4.67
CA VAL A 273 -34.40 9.08 -4.33
C VAL A 273 -35.31 9.73 -5.36
N GLY A 274 -35.39 9.17 -6.56
CA GLY A 274 -36.31 9.69 -7.56
C GLY A 274 -37.75 9.35 -7.23
N GLU A 275 -38.01 8.07 -6.95
CA GLU A 275 -39.33 7.65 -6.50
C GLU A 275 -39.77 8.34 -5.21
N PHE A 276 -38.83 8.67 -4.32
CA PHE A 276 -39.21 9.25 -3.04
C PHE A 276 -39.72 10.68 -3.18
N ARG A 277 -38.91 11.58 -3.75
CA ARG A 277 -39.34 12.97 -3.85
C ARG A 277 -40.49 13.15 -4.83
N ALA A 278 -40.69 12.22 -5.77
CA ALA A 278 -41.82 12.32 -6.68
C ALA A 278 -43.11 12.00 -5.92
N HIS A 279 -43.06 11.02 -5.02
CA HIS A 279 -44.22 10.71 -4.18
C HIS A 279 -44.50 11.86 -3.22
N ALA A 280 -43.48 12.33 -2.53
CA ALA A 280 -43.64 13.44 -1.60
C ALA A 280 -44.10 14.72 -2.29
N ALA A 281 -43.93 14.81 -3.61
CA ALA A 281 -44.37 15.99 -4.34
C ALA A 281 -45.88 15.99 -4.55
N GLU A 282 -46.42 14.87 -5.03
CA GLU A 282 -47.87 14.78 -5.25
C GLU A 282 -48.65 14.80 -3.95
N TRP A 283 -48.00 14.48 -2.82
CA TRP A 283 -48.70 14.51 -1.53
C TRP A 283 -48.77 15.93 -0.99
N THR A 284 -47.67 16.69 -1.09
CA THR A 284 -47.72 18.10 -0.74
C THR A 284 -48.62 18.89 -1.71
N ALA A 285 -48.76 18.39 -2.94
CA ALA A 285 -49.72 18.99 -3.85
C ALA A 285 -51.14 18.60 -3.47
N ASN A 286 -51.33 17.38 -2.97
CA ASN A 286 -52.62 16.92 -2.47
C ASN A 286 -52.87 17.51 -1.08
N VAL A 287 -52.94 18.84 -1.04
CA VAL A 287 -53.07 19.57 0.22
C VAL A 287 -54.04 20.73 0.06
N SER B 1 -14.25 -19.89 -26.03
CA SER B 1 -13.33 -18.81 -25.67
C SER B 1 -11.98 -19.37 -25.21
N ASP B 2 -11.76 -20.66 -25.46
CA ASP B 2 -10.51 -21.30 -25.09
C ASP B 2 -9.55 -21.41 -26.28
N SER B 3 -9.25 -22.64 -26.69
CA SER B 3 -8.51 -22.95 -27.91
C SER B 3 -7.01 -22.68 -27.80
N ALA B 4 -6.40 -22.34 -28.95
CA ALA B 4 -4.96 -22.18 -29.05
C ALA B 4 -4.44 -20.94 -28.32
N ILE B 5 -5.25 -19.89 -28.20
CA ILE B 5 -4.78 -18.64 -27.61
C ILE B 5 -4.32 -18.84 -26.17
N ASN B 6 -4.95 -19.73 -25.41
CA ASN B 6 -4.57 -19.93 -24.01
C ASN B 6 -3.16 -20.51 -23.89
N VAL B 7 -2.78 -21.39 -24.82
CA VAL B 7 -1.42 -21.93 -24.79
C VAL B 7 -0.39 -20.83 -25.03
N MET B 8 -0.68 -19.93 -25.98
CA MET B 8 0.25 -18.84 -26.25
C MET B 8 0.26 -17.81 -25.13
N LYS B 9 -0.87 -17.62 -24.45
CA LYS B 9 -0.89 -16.76 -23.27
C LYS B 9 -0.03 -17.33 -22.15
N TRP B 10 -0.22 -18.62 -21.83
CA TRP B 10 0.56 -19.25 -20.78
C TRP B 10 2.06 -19.14 -21.05
N LYS B 11 2.48 -19.30 -22.31
CA LYS B 11 3.90 -19.20 -22.64
C LYS B 11 4.45 -17.83 -22.29
N THR B 12 3.65 -16.78 -22.48
CA THR B 12 4.09 -15.43 -22.14
C THR B 12 4.19 -15.26 -20.63
N VAL B 13 3.22 -15.79 -19.88
CA VAL B 13 3.21 -15.64 -18.43
C VAL B 13 4.45 -16.28 -17.81
N SER B 14 4.84 -17.45 -18.31
CA SER B 14 5.97 -18.15 -17.71
C SER B 14 7.29 -17.43 -17.96
N THR B 15 7.43 -16.78 -19.12
CA THR B 15 8.65 -16.02 -19.38
C THR B 15 8.67 -14.74 -18.55
N ILE B 16 7.52 -14.08 -18.39
CA ILE B 16 7.46 -12.90 -17.53
C ILE B 16 7.72 -13.28 -16.08
N PHE B 17 7.17 -14.42 -15.65
CA PHE B 17 7.42 -14.92 -14.30
C PHE B 17 8.91 -15.11 -14.05
N LEU B 18 9.60 -15.77 -14.99
CA LEU B 18 11.03 -15.97 -14.83
C LEU B 18 11.79 -14.64 -14.83
N VAL B 19 11.37 -13.70 -15.68
CA VAL B 19 11.99 -12.38 -15.70
C VAL B 19 11.77 -11.67 -14.36
N VAL B 20 10.58 -11.80 -13.78
CA VAL B 20 10.31 -11.17 -12.50
C VAL B 20 11.17 -11.79 -11.41
N VAL B 21 11.35 -13.11 -11.44
CA VAL B 21 12.24 -13.76 -10.49
C VAL B 21 13.66 -13.23 -10.65
N LEU B 22 14.12 -13.09 -11.89
CA LEU B 22 15.43 -12.49 -12.14
C LEU B 22 15.49 -11.07 -11.61
N TYR B 23 14.44 -10.27 -11.87
CA TYR B 23 14.38 -8.92 -11.34
C TYR B 23 14.50 -8.92 -9.82
N LEU B 24 13.80 -9.85 -9.15
CA LEU B 24 13.88 -9.94 -7.70
C LEU B 24 15.27 -10.38 -7.25
N ILE B 25 15.92 -11.28 -7.99
CA ILE B 25 17.25 -11.74 -7.63
C ILE B 25 18.27 -10.61 -7.74
N ILE B 26 18.22 -9.88 -8.86
CA ILE B 26 19.17 -8.78 -9.07
C ILE B 26 18.98 -7.69 -8.02
N GLY B 27 17.72 -7.28 -7.79
CA GLY B 27 17.45 -6.27 -6.80
C GLY B 27 17.89 -6.67 -5.40
N ALA B 28 17.67 -7.94 -5.05
CA ALA B 28 18.07 -8.43 -3.73
C ALA B 28 19.57 -8.28 -3.52
N THR B 29 20.37 -8.68 -4.50
CA THR B 29 21.82 -8.57 -4.37
C THR B 29 22.28 -7.13 -4.28
N VAL B 30 21.59 -6.21 -4.97
CA VAL B 30 21.99 -4.80 -4.92
C VAL B 30 21.69 -4.22 -3.54
N PHE B 31 20.48 -4.44 -3.03
CA PHE B 31 20.13 -3.99 -1.69
C PHE B 31 21.02 -4.65 -0.65
N LYS B 32 21.42 -5.89 -0.87
CA LYS B 32 22.37 -6.56 0.01
C LYS B 32 23.67 -5.78 0.10
N ALA B 33 24.27 -5.45 -1.05
CA ALA B 33 25.55 -4.75 -1.07
C ALA B 33 25.46 -3.35 -0.47
N LEU B 34 24.32 -2.69 -0.61
CA LEU B 34 24.19 -1.30 -0.17
C LEU B 34 23.88 -1.20 1.32
N GLU B 35 22.99 -2.05 1.83
CA GLU B 35 22.46 -1.89 3.17
C GLU B 35 23.20 -2.72 4.24
N GLN B 36 23.95 -3.75 3.84
CA GLN B 36 24.60 -4.62 4.83
C GLN B 36 25.73 -3.92 5.57
N PRO B 37 26.65 -3.19 4.93
CA PRO B 37 27.72 -2.54 5.71
C PRO B 37 27.22 -1.56 6.75
N GLN B 38 26.18 -0.78 6.43
CA GLN B 38 25.68 0.19 7.41
C GLN B 38 25.08 -0.49 8.63
N GLU B 39 24.35 -1.60 8.44
CA GLU B 39 23.73 -2.25 9.58
C GLU B 39 24.74 -3.01 10.45
N ILE B 40 25.78 -3.57 9.85
CA ILE B 40 26.80 -4.28 10.62
C ILE B 40 27.57 -3.29 11.49
N SER B 41 27.91 -2.12 10.94
CA SER B 41 28.72 -1.15 11.67
C SER B 41 27.99 -0.64 12.91
N GLN B 42 26.72 -0.28 12.75
CA GLN B 42 25.98 0.33 13.85
C GLN B 42 25.47 -0.70 14.86
N ARG B 43 25.44 -1.98 14.52
CA ARG B 43 25.10 -2.99 15.52
C ARG B 43 26.31 -3.42 16.34
N THR B 44 27.52 -3.11 15.88
CA THR B 44 28.68 -3.24 16.74
C THR B 44 28.79 -2.07 17.70
N THR B 45 28.26 -0.92 17.32
CA THR B 45 28.24 0.24 18.20
C THR B 45 27.18 0.12 19.28
N ILE B 46 26.07 -0.57 18.99
CA ILE B 46 25.07 -0.79 20.03
C ILE B 46 25.61 -1.79 21.05
N VAL B 47 26.49 -2.70 20.61
CA VAL B 47 27.11 -3.62 21.55
C VAL B 47 28.16 -2.90 22.38
N ILE B 48 28.73 -1.82 21.83
CA ILE B 48 29.64 -0.99 22.61
C ILE B 48 28.88 -0.29 23.72
N GLN B 49 27.72 0.28 23.40
CA GLN B 49 26.90 0.93 24.42
C GLN B 49 26.10 -0.08 25.22
N ARG B 50 25.95 -1.30 24.71
CA ARG B 50 25.45 -2.41 25.51
C ARG B 50 26.37 -2.66 26.70
N GLU B 51 27.61 -3.06 26.42
CA GLU B 51 28.57 -3.37 27.48
C GLU B 51 28.84 -2.19 28.39
N LYS B 52 28.77 -0.96 27.86
CA LYS B 52 28.96 0.20 28.71
C LYS B 52 27.88 0.27 29.79
N PHE B 53 26.62 0.11 29.40
CA PHE B 53 25.55 0.05 30.38
C PHE B 53 25.63 -1.22 31.21
N LEU B 54 26.10 -2.32 30.61
CA LEU B 54 26.27 -3.57 31.34
C LEU B 54 27.29 -3.42 32.47
N ARG B 55 28.45 -2.84 32.15
CA ARG B 55 29.48 -2.62 33.18
C ARG B 55 29.04 -1.62 34.24
N ALA B 56 28.42 -0.52 33.81
CA ALA B 56 28.08 0.56 34.73
C ALA B 56 27.04 0.16 35.77
N HIS B 57 26.21 -0.84 35.51
CA HIS B 57 25.17 -1.26 36.43
C HIS B 57 25.23 -2.77 36.65
N PRO B 58 26.12 -3.23 37.53
CA PRO B 58 26.13 -4.67 37.86
C PRO B 58 24.92 -5.12 38.64
N CYS B 59 24.22 -4.20 39.31
CA CYS B 59 22.98 -4.56 40.00
C CYS B 59 21.92 -5.00 39.00
N VAL B 60 21.90 -4.40 37.82
CA VAL B 60 21.03 -4.87 36.76
C VAL B 60 21.49 -6.26 36.35
N SER B 61 20.55 -7.19 36.21
CA SER B 61 20.93 -8.57 35.93
C SER B 61 21.49 -8.76 34.51
N ASP B 62 21.70 -7.68 33.76
CA ASP B 62 22.42 -7.68 32.49
C ASP B 62 21.73 -8.57 31.47
N GLN B 63 21.47 -9.84 31.81
CA GLN B 63 20.63 -10.68 30.97
C GLN B 63 19.20 -10.19 30.96
N GLU B 64 18.80 -9.48 32.02
CA GLU B 64 17.47 -8.92 32.20
C GLU B 64 17.36 -7.52 31.60
N LEU B 65 18.47 -6.99 31.07
CA LEU B 65 18.39 -5.72 30.36
C LEU B 65 17.67 -5.89 29.04
N ASP B 66 17.84 -7.04 28.39
CA ASP B 66 17.00 -7.38 27.24
C ASP B 66 15.55 -7.54 27.65
N GLU B 67 15.31 -7.93 28.91
CA GLU B 67 13.95 -8.06 29.41
C GLU B 67 13.26 -6.70 29.50
N LEU B 68 14.02 -5.63 29.72
CA LEU B 68 13.43 -4.30 29.69
C LEU B 68 13.27 -3.80 28.26
N ILE B 69 14.26 -4.09 27.40
CA ILE B 69 14.22 -3.61 26.01
C ILE B 69 13.02 -4.17 25.28
N GLN B 70 12.64 -5.42 25.57
CA GLN B 70 11.55 -6.05 24.83
C GLN B 70 10.22 -5.35 25.13
N GLN B 71 9.99 -4.94 26.38
CA GLN B 71 8.76 -4.25 26.72
C GLN B 71 8.77 -2.79 26.29
N ILE B 72 9.96 -2.19 26.14
CA ILE B 72 10.06 -0.90 25.47
C ILE B 72 9.68 -1.04 24.00
N VAL B 73 10.36 -1.93 23.29
CA VAL B 73 10.11 -2.12 21.86
C VAL B 73 8.67 -2.54 21.60
N ALA B 74 8.15 -3.48 22.40
CA ALA B 74 6.76 -3.90 22.21
C ALA B 74 5.80 -2.75 22.45
N ALA B 75 6.14 -1.82 23.34
CA ALA B 75 5.31 -0.65 23.55
C ALA B 75 5.55 0.43 22.50
N ILE B 76 6.74 0.47 21.90
CA ILE B 76 6.99 1.41 20.81
C ILE B 76 6.12 1.10 19.61
N ASN B 77 5.77 -0.17 19.41
CA ASN B 77 4.90 -0.53 18.29
C ASN B 77 3.55 0.15 18.42
N ALA B 78 3.07 0.36 19.64
CA ALA B 78 1.89 1.19 19.87
C ALA B 78 2.21 2.67 19.88
N GLY B 79 3.48 3.04 19.90
CA GLY B 79 3.88 4.44 19.86
C GLY B 79 3.76 5.14 21.19
N ILE B 80 4.66 4.83 22.12
CA ILE B 80 4.66 5.47 23.44
C ILE B 80 5.85 6.41 23.52
N ILE B 81 5.73 7.42 24.38
CA ILE B 81 6.80 8.36 24.65
C ILE B 81 7.12 8.26 26.15
N PRO B 82 7.89 7.25 26.56
CA PRO B 82 8.07 6.95 28.01
C PRO B 82 9.23 7.71 28.63
N LEU B 83 9.05 9.01 28.82
CA LEU B 83 10.06 9.85 29.46
C LEU B 83 9.41 10.67 30.56
N GLY B 84 10.08 10.72 31.71
CA GLY B 84 9.64 11.58 32.80
C GLY B 84 9.59 13.04 32.46
N ALA B 85 10.40 13.49 31.50
CA ALA B 85 10.33 14.87 31.05
C ALA B 85 9.11 15.10 30.17
N SER B 86 8.76 14.12 29.34
CA SER B 86 7.59 14.23 28.47
C SER B 86 6.51 13.24 28.89
N SER B 87 6.13 13.27 30.18
CA SER B 87 5.05 12.42 30.66
C SER B 87 3.68 12.84 30.16
N ASN B 88 3.58 13.96 29.45
CA ASN B 88 2.32 14.39 28.83
C ASN B 88 2.27 13.83 27.42
N GLN B 89 1.56 12.72 27.25
CA GLN B 89 1.42 12.08 25.96
C GLN B 89 0.14 12.52 25.28
N VAL B 90 0.24 12.84 23.99
CA VAL B 90 -0.90 13.24 23.19
C VAL B 90 -1.41 12.02 22.43
N SER B 91 -2.69 12.06 22.06
CA SER B 91 -3.34 10.90 21.48
C SER B 91 -2.84 10.60 20.07
N HIS B 92 -2.63 9.32 19.79
CA HIS B 92 -2.34 8.84 18.45
C HIS B 92 -3.59 8.44 17.68
N TRP B 93 -4.76 8.46 18.33
CA TRP B 93 -6.02 8.05 17.72
C TRP B 93 -7.07 9.13 17.91
N ASP B 94 -6.65 10.39 17.99
CA ASP B 94 -7.58 11.51 17.94
C ASP B 94 -8.23 11.58 16.55
N LEU B 95 -9.25 12.43 16.45
CA LEU B 95 -10.01 12.50 15.20
C LEU B 95 -9.14 12.88 14.02
N GLY B 96 -8.07 13.65 14.26
CA GLY B 96 -7.16 13.99 13.17
C GLY B 96 -6.37 12.79 12.68
N CYS B 97 -5.80 12.01 13.62
CA CYS B 97 -5.01 10.85 13.24
C CYS B 97 -5.89 9.74 12.69
N SER B 98 -7.06 9.52 13.31
CA SER B 98 -7.98 8.52 12.79
C SER B 98 -8.45 8.87 11.39
N PHE B 99 -8.58 10.16 11.09
CA PHE B 99 -8.87 10.60 9.73
C PHE B 99 -7.70 10.24 8.80
N PHE B 100 -6.48 10.59 9.21
CA PHE B 100 -5.30 10.25 8.43
C PHE B 100 -5.14 8.75 8.28
N PHE B 101 -5.39 7.99 9.35
CA PHE B 101 -5.27 6.53 9.26
C PHE B 101 -6.28 5.96 8.26
N ALA B 102 -7.51 6.47 8.28
CA ALA B 102 -8.50 6.01 7.30
C ALA B 102 -8.06 6.31 5.89
N GLY B 103 -7.32 7.40 5.68
CA GLY B 103 -6.78 7.67 4.36
C GLY B 103 -5.73 6.67 3.93
N THR B 104 -4.81 6.32 4.84
CA THR B 104 -3.78 5.33 4.53
C THR B 104 -4.38 3.96 4.22
N VAL B 105 -5.63 3.72 4.61
CA VAL B 105 -6.28 2.44 4.32
C VAL B 105 -6.85 2.43 2.92
N ILE B 106 -7.74 3.38 2.61
CA ILE B 106 -8.43 3.37 1.33
C ILE B 106 -7.50 3.72 0.17
N THR B 107 -6.36 4.36 0.44
CA THR B 107 -5.37 4.62 -0.59
C THR B 107 -4.35 3.51 -0.73
N THR B 108 -4.39 2.51 0.15
CA THR B 108 -3.42 1.42 0.25
C THR B 108 -2.00 1.90 0.53
N ILE B 109 -1.82 3.17 0.89
CA ILE B 109 -0.52 3.66 1.34
C ILE B 109 -0.41 3.36 2.83
N GLY B 110 -0.44 2.08 3.19
CA GLY B 110 -0.47 1.69 4.59
C GLY B 110 0.83 1.96 5.31
N PHE B 111 1.03 3.22 5.73
CA PHE B 111 2.28 3.60 6.40
C PHE B 111 2.52 2.75 7.64
N GLY B 112 1.46 2.40 8.36
CA GLY B 112 1.57 1.49 9.48
C GLY B 112 2.19 2.07 10.73
N ASN B 113 2.54 3.36 10.73
CA ASN B 113 3.05 3.99 11.95
C ASN B 113 2.08 3.82 13.12
N ILE B 114 0.78 3.89 12.85
CA ILE B 114 -0.25 3.52 13.81
C ILE B 114 -1.21 2.58 13.11
N SER B 115 -1.61 1.52 13.82
CA SER B 115 -2.45 0.48 13.25
C SER B 115 -3.35 -0.06 14.36
N PRO B 116 -4.53 -0.59 14.03
CA PRO B 116 -5.47 -1.00 15.07
C PRO B 116 -4.95 -2.18 15.87
N ARG B 117 -5.11 -2.10 17.19
CA ARG B 117 -4.78 -3.19 18.09
C ARG B 117 -5.99 -3.76 18.82
N THR B 118 -7.07 -2.99 18.94
CA THR B 118 -8.35 -3.57 19.35
C THR B 118 -8.81 -4.58 18.33
N GLU B 119 -9.19 -5.77 18.79
CA GLU B 119 -9.62 -6.81 17.86
C GLU B 119 -10.89 -6.41 17.13
N GLY B 120 -11.72 -5.56 17.74
CA GLY B 120 -12.81 -4.96 17.00
C GLY B 120 -12.33 -4.01 15.93
N GLY B 121 -11.28 -3.23 16.22
CA GLY B 121 -10.73 -2.33 15.22
C GLY B 121 -10.16 -3.03 14.01
N LYS B 122 -9.67 -4.26 14.19
CA LYS B 122 -9.15 -5.02 13.05
C LYS B 122 -10.29 -5.54 12.18
N ILE B 123 -11.41 -5.94 12.80
CA ILE B 123 -12.57 -6.36 12.03
C ILE B 123 -13.11 -5.20 11.21
N PHE B 124 -13.29 -4.04 11.84
CA PHE B 124 -13.75 -2.87 11.12
C PHE B 124 -12.75 -2.46 10.04
N CYS B 125 -11.45 -2.60 10.30
CA CYS B 125 -10.44 -2.28 9.30
C CYS B 125 -10.60 -3.16 8.06
N ILE B 126 -11.00 -4.42 8.24
CA ILE B 126 -11.23 -5.30 7.11
C ILE B 126 -12.42 -4.82 6.29
N ILE B 127 -13.54 -4.53 6.96
CA ILE B 127 -14.72 -4.04 6.26
C ILE B 127 -14.45 -2.68 5.64
N TYR B 128 -13.76 -1.80 6.37
CA TYR B 128 -13.47 -0.47 5.86
C TYR B 128 -12.62 -0.54 4.59
N ALA B 129 -11.64 -1.45 4.56
CA ALA B 129 -10.78 -1.57 3.38
C ALA B 129 -11.54 -2.19 2.22
N LEU B 130 -12.32 -3.24 2.46
CA LEU B 130 -12.99 -3.94 1.37
C LEU B 130 -13.99 -3.05 0.65
N LEU B 131 -14.65 -2.13 1.37
CA LEU B 131 -15.53 -1.17 0.75
C LEU B 131 -14.83 0.14 0.38
N GLY B 132 -13.84 0.55 1.16
CA GLY B 132 -13.20 1.84 0.91
C GLY B 132 -12.32 1.85 -0.33
N ILE B 133 -11.53 0.78 -0.53
CA ILE B 133 -10.62 0.74 -1.67
C ILE B 133 -11.35 0.89 -3.00
N PRO B 134 -12.41 0.11 -3.29
CA PRO B 134 -13.12 0.33 -4.57
C PRO B 134 -13.73 1.72 -4.68
N LEU B 135 -14.31 2.23 -3.59
CA LEU B 135 -14.94 3.54 -3.63
C LEU B 135 -13.92 4.65 -3.92
N PHE B 136 -12.77 4.60 -3.25
CA PHE B 136 -11.73 5.59 -3.52
C PHE B 136 -11.19 5.48 -4.94
N GLY B 137 -11.27 4.29 -5.54
CA GLY B 137 -10.84 4.13 -6.92
C GLY B 137 -11.67 4.97 -7.88
N PHE B 138 -12.97 5.11 -7.60
CA PHE B 138 -13.81 5.97 -8.43
C PHE B 138 -13.37 7.43 -8.33
N LEU B 139 -13.06 7.89 -7.12
CA LEU B 139 -12.57 9.25 -6.95
C LEU B 139 -11.25 9.45 -7.70
N LEU B 140 -10.32 8.51 -7.53
CA LEU B 140 -9.02 8.62 -8.20
C LEU B 140 -9.17 8.58 -9.73
N ALA B 141 -10.16 7.84 -10.22
CA ALA B 141 -10.45 7.85 -11.65
C ALA B 141 -10.99 9.21 -12.09
N GLY B 142 -11.90 9.78 -11.30
CA GLY B 142 -12.45 11.09 -11.63
C GLY B 142 -11.40 12.18 -11.59
N VAL B 143 -10.47 12.11 -10.63
CA VAL B 143 -9.39 13.08 -10.56
C VAL B 143 -8.46 12.92 -11.77
N GLY B 144 -8.16 11.67 -12.14
CA GLY B 144 -7.36 11.45 -13.34
C GLY B 144 -8.05 11.95 -14.60
N ASP B 145 -9.37 11.77 -14.67
CA ASP B 145 -10.14 12.32 -15.78
C ASP B 145 -10.07 13.85 -15.78
N GLN B 146 -10.16 14.46 -14.60
CA GLN B 146 -10.07 15.92 -14.51
C GLN B 146 -8.68 16.40 -14.94
N LEU B 147 -7.63 15.77 -14.43
CA LEU B 147 -6.27 16.14 -14.85
C LEU B 147 -6.07 15.85 -16.34
N GLY B 148 -6.74 14.84 -16.88
CA GLY B 148 -6.62 14.55 -18.29
C GLY B 148 -7.19 15.66 -19.16
N THR B 149 -8.37 16.18 -18.80
CA THR B 149 -8.99 17.23 -19.61
C THR B 149 -8.25 18.56 -19.46
N ILE B 150 -7.73 18.85 -18.27
CA ILE B 150 -6.95 20.07 -18.07
C ILE B 150 -5.71 20.03 -18.96
N PHE B 151 -4.99 18.90 -18.93
CA PHE B 151 -3.86 18.73 -19.84
C PHE B 151 -4.33 18.70 -21.29
N GLY B 152 -5.55 18.23 -21.52
CA GLY B 152 -6.09 18.24 -22.87
C GLY B 152 -6.33 19.65 -23.36
N LYS B 153 -6.97 20.49 -22.54
CA LYS B 153 -7.16 21.88 -22.88
C LYS B 153 -5.83 22.60 -23.06
N GLY B 154 -4.89 22.35 -22.15
CA GLY B 154 -3.56 22.95 -22.29
C GLY B 154 -2.87 22.53 -23.56
N ILE B 155 -2.94 21.23 -23.90
CA ILE B 155 -2.35 20.76 -25.15
C ILE B 155 -3.20 21.16 -26.34
N ALA B 156 -4.48 21.49 -26.12
CA ALA B 156 -5.33 21.94 -27.21
C ALA B 156 -4.93 23.34 -27.68
N LYS B 157 -4.51 24.21 -26.76
CA LYS B 157 -4.07 25.54 -27.15
C LYS B 157 -2.91 25.45 -28.13
N VAL B 158 -1.92 24.60 -27.84
CA VAL B 158 -0.75 24.44 -28.68
C VAL B 158 -0.98 23.52 -29.87
N GLU B 159 -2.10 22.79 -29.92
CA GLU B 159 -2.37 21.86 -31.01
C GLU B 159 -2.30 22.54 -32.37
N ASP B 160 -3.08 23.60 -32.57
CA ASP B 160 -3.07 24.29 -33.85
C ASP B 160 -1.84 25.16 -34.04
N THR B 161 -1.11 25.46 -32.96
CA THR B 161 0.17 26.16 -33.10
C THR B 161 1.26 25.23 -33.63
N PHE B 162 1.11 23.91 -33.42
CA PHE B 162 2.12 22.98 -33.91
C PHE B 162 2.19 23.00 -35.43
N ILE B 163 1.08 23.30 -36.11
CA ILE B 163 1.08 23.43 -37.57
C ILE B 163 2.02 24.57 -37.92
N LYS B 164 3.26 24.21 -38.24
CA LYS B 164 4.36 25.15 -38.46
C LYS B 164 5.26 24.50 -39.50
N TRP B 165 6.53 24.90 -39.57
CA TRP B 165 7.44 24.17 -40.45
C TRP B 165 7.87 22.91 -39.73
N ASN B 166 7.88 21.80 -40.49
CA ASN B 166 8.16 20.43 -40.03
C ASN B 166 6.89 19.79 -39.47
N VAL B 167 5.82 19.78 -40.27
CA VAL B 167 4.56 19.18 -39.84
C VAL B 167 4.75 17.67 -39.78
N SER B 168 4.40 17.07 -38.65
CA SER B 168 4.86 15.73 -38.33
C SER B 168 3.72 14.73 -38.31
N GLN B 169 4.09 13.45 -38.44
CA GLN B 169 3.17 12.33 -38.41
C GLN B 169 3.14 11.72 -37.01
N THR B 170 4.26 11.12 -36.63
CA THR B 170 4.39 10.33 -35.40
C THR B 170 5.26 11.00 -34.36
N LYS B 171 5.82 12.19 -34.66
CA LYS B 171 6.73 12.87 -33.76
C LYS B 171 6.04 13.81 -32.78
N ILE B 172 4.85 14.33 -33.14
CA ILE B 172 4.18 15.26 -32.24
C ILE B 172 3.70 14.57 -30.97
N ARG B 173 3.38 13.26 -31.05
CA ARG B 173 2.94 12.54 -29.86
C ARG B 173 4.05 12.47 -28.81
N ILE B 174 5.30 12.31 -29.24
CA ILE B 174 6.41 12.21 -28.30
C ILE B 174 6.64 13.52 -27.57
N ILE B 175 6.58 14.65 -28.28
CA ILE B 175 6.77 15.95 -27.66
C ILE B 175 5.76 16.18 -26.54
N SER B 176 4.47 15.92 -26.83
CA SER B 176 3.43 16.15 -25.83
C SER B 176 3.66 15.30 -24.59
N THR B 177 4.14 14.06 -24.77
CA THR B 177 4.39 13.20 -23.62
C THR B 177 5.57 13.69 -22.79
N ILE B 178 6.51 14.42 -23.41
CA ILE B 178 7.63 14.95 -22.66
C ILE B 178 7.18 16.08 -21.75
N ILE B 179 6.29 16.94 -22.23
CA ILE B 179 5.69 17.97 -21.38
C ILE B 179 4.97 17.33 -20.20
N PHE B 180 4.25 16.23 -20.45
CA PHE B 180 3.53 15.54 -19.38
C PHE B 180 4.48 15.06 -18.29
N ILE B 181 5.67 14.59 -18.68
CA ILE B 181 6.62 14.08 -17.70
C ILE B 181 7.25 15.23 -16.92
N LEU B 182 7.87 16.17 -17.64
CA LEU B 182 8.63 17.23 -16.97
C LEU B 182 7.73 18.15 -16.16
N PHE B 183 6.60 18.59 -16.75
CA PHE B 183 5.64 19.39 -16.00
C PHE B 183 5.11 18.61 -14.80
N GLY B 184 4.64 17.38 -15.03
CA GLY B 184 4.15 16.57 -13.94
C GLY B 184 5.17 16.34 -12.84
N CYS B 185 6.46 16.25 -13.21
CA CYS B 185 7.49 16.05 -12.21
C CYS B 185 7.66 17.28 -11.31
N VAL B 186 7.64 18.48 -11.89
CA VAL B 186 7.82 19.68 -11.08
C VAL B 186 6.58 19.94 -10.23
N LEU B 187 5.39 19.71 -10.78
CA LEU B 187 4.17 19.97 -10.02
C LEU B 187 4.00 18.96 -8.88
N PHE B 188 4.11 17.67 -9.17
CA PHE B 188 3.71 16.63 -8.22
C PHE B 188 4.88 15.97 -7.50
N VAL B 189 6.12 16.24 -7.89
CA VAL B 189 7.26 15.61 -7.24
C VAL B 189 8.23 16.67 -6.73
N ALA B 190 8.71 17.53 -7.65
CA ALA B 190 9.76 18.49 -7.28
C ALA B 190 9.23 19.53 -6.30
N LEU B 191 8.14 20.21 -6.64
CA LEU B 191 7.61 21.27 -5.78
C LEU B 191 7.21 20.74 -4.41
N PRO B 192 6.43 19.67 -4.27
CA PRO B 192 6.12 19.19 -2.91
C PRO B 192 7.33 18.71 -2.15
N ALA B 193 8.36 18.20 -2.83
CA ALA B 193 9.59 17.85 -2.15
C ALA B 193 10.27 19.09 -1.57
N VAL B 194 10.13 20.23 -2.24
CA VAL B 194 10.72 21.47 -1.72
C VAL B 194 10.04 21.87 -0.41
N ILE B 195 8.70 21.83 -0.38
CA ILE B 195 7.99 22.20 0.84
C ILE B 195 8.23 21.14 1.92
N PHE B 196 8.34 19.87 1.53
CA PHE B 196 8.60 18.82 2.50
C PHE B 196 9.95 19.04 3.17
N LYS B 197 10.93 19.52 2.41
CA LYS B 197 12.26 19.77 2.98
C LYS B 197 12.24 20.94 3.96
N HIS B 198 11.43 21.97 3.68
CA HIS B 198 11.36 23.12 4.58
C HIS B 198 10.49 22.86 5.80
N ILE B 199 9.28 22.37 5.59
CA ILE B 199 8.33 22.19 6.70
C ILE B 199 8.71 21.00 7.57
N GLU B 200 8.98 19.85 6.95
CA GLU B 200 9.26 18.63 7.70
C GLU B 200 10.72 18.51 8.12
N GLY B 201 11.60 19.37 7.60
CA GLY B 201 13.01 19.28 7.94
C GLY B 201 13.69 18.04 7.42
N TRP B 202 13.33 17.59 6.22
CA TRP B 202 13.92 16.42 5.60
C TRP B 202 15.02 16.83 4.62
N SER B 203 15.85 15.87 4.25
CA SER B 203 16.82 16.12 3.19
C SER B 203 16.11 16.13 1.84
N ALA B 204 16.80 16.70 0.84
CA ALA B 204 16.24 16.76 -0.50
C ALA B 204 15.92 15.37 -1.04
N LEU B 205 16.84 14.42 -0.84
CA LEU B 205 16.59 13.05 -1.30
C LEU B 205 15.45 12.40 -0.53
N ASP B 206 15.42 12.58 0.80
CA ASP B 206 14.34 11.99 1.59
C ASP B 206 12.98 12.54 1.20
N ALA B 207 12.92 13.81 0.78
CA ALA B 207 11.67 14.37 0.29
C ALA B 207 11.22 13.68 -1.00
N ILE B 208 12.14 13.54 -1.95
CA ILE B 208 11.85 12.75 -3.15
C ILE B 208 11.56 11.31 -2.79
N TYR B 209 12.33 10.76 -1.84
CA TYR B 209 12.10 9.39 -1.37
C TYR B 209 10.70 9.22 -0.82
N PHE B 210 10.26 10.17 0.02
CA PHE B 210 8.91 10.11 0.57
C PHE B 210 7.86 10.22 -0.53
N VAL B 211 8.06 11.15 -1.48
CA VAL B 211 7.07 11.40 -2.52
C VAL B 211 6.80 10.14 -3.33
N VAL B 212 7.86 9.46 -3.78
CA VAL B 212 7.68 8.30 -4.66
C VAL B 212 7.13 7.12 -3.88
N ILE B 213 7.65 6.86 -2.67
CA ILE B 213 7.15 5.76 -1.87
C ILE B 213 5.68 5.98 -1.51
N THR B 214 5.27 7.23 -1.31
CA THR B 214 3.89 7.53 -0.99
C THR B 214 2.99 7.44 -2.22
N LEU B 215 3.39 8.10 -3.31
CA LEU B 215 2.53 8.18 -4.48
C LEU B 215 2.47 6.88 -5.27
N THR B 216 3.45 5.98 -5.11
CA THR B 216 3.33 4.64 -5.66
C THR B 216 2.51 3.73 -4.77
N THR B 217 2.01 4.23 -3.63
CA THR B 217 1.23 3.48 -2.65
C THR B 217 2.04 2.37 -1.97
N ILE B 218 3.38 2.45 -2.03
CA ILE B 218 4.20 1.51 -1.28
C ILE B 218 4.06 1.77 0.22
N GLY B 219 4.31 3.01 0.65
CA GLY B 219 4.08 3.42 2.01
C GLY B 219 4.84 2.63 3.07
N PHE B 220 6.17 2.78 3.09
CA PHE B 220 6.98 2.08 4.08
C PHE B 220 6.63 2.50 5.49
N GLY B 221 6.53 3.81 5.73
CA GLY B 221 6.26 4.35 7.04
C GLY B 221 7.45 4.97 7.73
N ASP B 222 8.65 4.83 7.16
CA ASP B 222 9.83 5.49 7.73
C ASP B 222 9.75 7.00 7.60
N TYR B 223 8.99 7.50 6.63
CA TYR B 223 8.79 8.94 6.45
C TYR B 223 7.29 9.19 6.28
N VAL B 224 6.73 10.05 7.13
CA VAL B 224 5.31 10.38 7.08
C VAL B 224 5.19 11.90 7.24
N ALA B 225 4.60 12.55 6.23
CA ALA B 225 4.35 13.99 6.32
C ALA B 225 3.27 14.27 7.35
N GLY B 226 3.51 15.26 8.21
CA GLY B 226 2.60 15.57 9.28
C GLY B 226 2.62 14.62 10.46
N GLY B 227 3.49 13.62 10.45
CA GLY B 227 3.51 12.65 11.54
C GLY B 227 4.29 13.10 12.75
N SER B 228 5.37 13.86 12.54
CA SER B 228 6.19 14.35 13.64
C SER B 228 5.47 15.48 14.38
N ASP B 229 5.87 15.68 15.64
CA ASP B 229 5.19 16.59 16.56
C ASP B 229 5.69 18.03 16.38
N ILE B 230 5.37 18.59 15.21
CA ILE B 230 5.60 20.00 14.96
C ILE B 230 4.23 20.69 14.96
N GLU B 231 4.24 22.01 15.12
CA GLU B 231 2.99 22.75 15.22
C GLU B 231 2.18 22.70 13.93
N TYR B 232 2.85 22.84 12.78
CA TYR B 232 2.24 22.81 11.45
C TYR B 232 1.36 24.04 11.22
N LEU B 233 1.41 24.58 9.99
CA LEU B 233 0.77 25.81 9.54
C LEU B 233 -0.76 25.77 9.47
N ASP B 234 -1.47 24.76 9.99
CA ASP B 234 -2.93 24.65 9.87
C ASP B 234 -3.39 24.41 8.43
N PHE B 235 -2.73 25.03 7.44
CA PHE B 235 -3.05 24.72 6.06
C PHE B 235 -2.32 23.50 5.56
N TYR B 236 -1.36 22.99 6.33
CA TYR B 236 -0.40 22.02 5.81
C TYR B 236 -1.05 20.69 5.49
N LYS B 237 -1.59 20.02 6.50
CA LYS B 237 -2.21 18.72 6.27
C LYS B 237 -3.36 18.76 5.27
N PRO B 238 -4.21 19.80 5.24
CA PRO B 238 -5.20 19.87 4.15
C PRO B 238 -4.59 19.89 2.76
N VAL B 239 -3.59 20.74 2.52
CA VAL B 239 -3.02 20.84 1.18
C VAL B 239 -2.24 19.58 0.83
N VAL B 240 -1.70 18.88 1.82
CA VAL B 240 -1.04 17.61 1.54
C VAL B 240 -2.06 16.57 1.09
N TRP B 241 -3.26 16.59 1.69
CA TRP B 241 -4.35 15.75 1.21
C TRP B 241 -4.63 15.99 -0.27
N PHE B 242 -4.63 17.26 -0.70
CA PHE B 242 -4.86 17.56 -2.11
C PHE B 242 -3.73 17.05 -2.98
N TRP B 243 -2.48 17.20 -2.51
CA TRP B 243 -1.36 16.63 -3.25
C TRP B 243 -1.49 15.11 -3.36
N ILE B 244 -1.91 14.45 -2.28
CA ILE B 244 -2.14 13.02 -2.32
C ILE B 244 -3.17 12.68 -3.39
N LEU B 245 -4.25 13.47 -3.48
CA LEU B 245 -5.32 13.19 -4.43
C LEU B 245 -4.82 13.22 -5.86
N VAL B 246 -4.28 14.37 -6.29
CA VAL B 246 -3.83 14.50 -7.67
C VAL B 246 -2.52 13.77 -7.90
N GLY B 247 -1.70 13.62 -6.85
CA GLY B 247 -0.45 12.90 -7.01
C GLY B 247 -0.64 11.44 -7.34
N LEU B 248 -1.58 10.77 -6.65
CA LEU B 248 -1.86 9.38 -6.94
C LEU B 248 -2.40 9.20 -8.36
N ALA B 249 -3.21 10.16 -8.82
CA ALA B 249 -3.69 10.11 -10.19
C ALA B 249 -2.54 10.25 -11.19
N TYR B 250 -1.61 11.15 -10.90
CA TYR B 250 -0.47 11.35 -11.81
C TYR B 250 0.42 10.12 -11.87
N PHE B 251 0.81 9.59 -10.71
CA PHE B 251 1.69 8.42 -10.70
C PHE B 251 1.03 7.20 -11.33
N ALA B 252 -0.30 7.13 -11.29
CA ALA B 252 -0.99 6.05 -11.99
C ALA B 252 -0.74 6.12 -13.49
N ALA B 253 -0.80 7.32 -14.06
CA ALA B 253 -0.54 7.49 -15.49
C ALA B 253 0.92 7.20 -15.83
N VAL B 254 1.85 7.68 -14.98
CA VAL B 254 3.27 7.46 -15.22
C VAL B 254 3.60 5.98 -15.18
N LEU B 255 3.10 5.28 -14.16
CA LEU B 255 3.37 3.85 -14.04
C LEU B 255 2.83 3.08 -15.24
N SER B 256 1.67 3.49 -15.76
CA SER B 256 1.12 2.82 -16.93
C SER B 256 1.95 3.11 -18.17
N MET B 257 2.51 4.33 -18.27
CA MET B 257 3.37 4.65 -19.41
C MET B 257 4.64 3.84 -19.38
N ILE B 258 5.27 3.71 -18.21
CA ILE B 258 6.47 2.88 -18.08
C ILE B 258 6.16 1.44 -18.50
N GLY B 259 4.96 0.96 -18.18
CA GLY B 259 4.57 -0.37 -18.64
C GLY B 259 4.44 -0.44 -20.15
N ASP B 260 3.91 0.61 -20.77
CA ASP B 260 3.82 0.64 -22.23
C ASP B 260 5.21 0.69 -22.85
N TRP B 261 6.13 1.44 -22.25
CA TRP B 261 7.51 1.45 -22.71
C TRP B 261 8.14 0.07 -22.54
N LEU B 262 7.90 -0.57 -21.39
CA LEU B 262 8.43 -1.92 -21.16
C LEU B 262 7.90 -2.91 -22.18
N ARG B 263 6.66 -2.72 -22.64
CA ARG B 263 6.11 -3.59 -23.67
C ARG B 263 6.81 -3.38 -25.01
N VAL B 264 7.19 -2.14 -25.32
CA VAL B 264 7.88 -1.86 -26.57
C VAL B 264 9.31 -2.39 -26.52
N ILE B 265 10.02 -2.12 -25.42
CA ILE B 265 11.40 -2.60 -25.29
C ILE B 265 11.43 -4.12 -25.21
N ALA B 266 10.39 -4.75 -24.66
CA ALA B 266 10.36 -6.22 -24.61
C ALA B 266 10.30 -6.81 -26.01
N LYS B 267 9.60 -6.14 -26.92
CA LYS B 267 9.56 -6.61 -28.30
C LYS B 267 10.82 -6.24 -29.06
N LYS B 268 11.42 -5.09 -28.77
CA LYS B 268 12.69 -4.75 -29.39
C LYS B 268 13.78 -5.74 -28.98
N THR B 269 13.80 -6.12 -27.71
CA THR B 269 14.74 -7.15 -27.26
C THR B 269 14.38 -8.51 -27.86
N LYS B 270 13.09 -8.81 -28.00
CA LYS B 270 12.70 -10.08 -28.60
C LYS B 270 13.10 -10.14 -30.07
N GLU B 271 13.02 -9.02 -30.78
CA GLU B 271 13.48 -8.97 -32.16
C GLU B 271 15.01 -8.90 -32.25
N ALA B 272 15.65 -8.22 -31.30
CA ALA B 272 17.11 -8.13 -31.33
C ALA B 272 17.75 -9.51 -31.20
N VAL B 273 17.25 -10.32 -30.26
CA VAL B 273 17.74 -11.69 -30.16
C VAL B 273 17.30 -12.52 -31.37
N GLY B 274 16.28 -12.06 -32.10
CA GLY B 274 15.85 -12.79 -33.28
C GLY B 274 16.84 -12.65 -34.43
N GLU B 275 17.24 -11.41 -34.75
CA GLU B 275 18.31 -11.22 -35.72
C GLU B 275 19.59 -11.90 -35.25
N PHE B 276 19.79 -11.96 -33.93
CA PHE B 276 20.95 -12.67 -33.38
C PHE B 276 20.79 -14.17 -33.57
N ARG B 277 19.61 -14.71 -33.25
CA ARG B 277 19.40 -16.15 -33.35
C ARG B 277 19.51 -16.64 -34.79
N ALA B 278 19.21 -15.77 -35.76
CA ALA B 278 19.33 -16.16 -37.16
C ALA B 278 20.77 -16.05 -37.69
N HIS B 279 21.50 -15.01 -37.28
CA HIS B 279 22.83 -14.78 -37.83
C HIS B 279 23.83 -15.85 -37.41
N ALA B 280 23.97 -16.07 -36.10
CA ALA B 280 24.91 -17.02 -35.54
C ALA B 280 26.32 -16.81 -36.13
N ALA B 281 26.85 -15.61 -35.88
CA ALA B 281 28.18 -15.20 -36.33
C ALA B 281 28.28 -15.24 -37.86
N GLU B 282 27.35 -14.52 -38.50
CA GLU B 282 27.30 -14.42 -39.96
C GLU B 282 27.24 -15.79 -40.63
C27 R16 C . -20.70 6.77 3.56
C28 R16 C . -21.14 5.74 4.61
C29 R16 C . -22.34 4.89 4.18
C30 R16 C . -23.13 5.43 3.00
C31 R16 C . -24.34 6.27 3.42
C32 R16 C . -24.13 7.76 3.16
C33 R16 C . -23.73 8.00 1.71
C34 R16 C . -24.16 9.38 1.21
C35 R16 C . -25.54 9.35 0.55
C36 R16 C . -25.71 10.44 -0.51
C37 R16 C . -27.03 10.27 -1.28
C38 R16 C . -27.03 10.98 -2.63
C39 R16 C . -27.33 10.04 -3.80
C40 R16 C . -27.02 10.67 -5.16
C41 R16 C . -28.27 10.74 -6.05
C42 R16 C . -28.90 12.13 -6.03
C27 R16 D . -22.73 9.10 -8.80
C28 R16 D . -23.06 9.94 -7.57
C29 R16 D . -22.68 9.26 -6.27
C30 R16 D . -23.81 8.39 -5.70
C31 R16 D . -23.31 7.37 -4.68
C32 R16 D . -24.44 6.52 -4.11
C33 R16 D . -24.24 6.18 -2.64
C34 R16 D . -22.78 5.86 -2.31
C35 R16 D . -22.52 4.36 -2.20
C36 R16 D . -22.74 3.86 -0.77
C37 R16 D . -21.44 3.70 0.00
C38 R16 D . -21.30 2.35 0.70
C39 R16 D . -22.65 1.68 0.98
C40 R16 D . -22.50 0.27 1.55
C41 R16 D . -23.47 0.00 2.70
C42 R16 D . -23.03 0.69 3.99
C1 WUU E . 12.31 -12.94 4.87
C2 WUU E . 11.91 -12.13 5.90
C3 WUU E . 10.58 -11.87 6.10
C10 WUU E . 6.60 -12.14 -0.38
C11 WUU E . 5.76 -11.09 -0.03
C12 WUU E . 5.17 -11.07 1.22
C13 WUU E . 5.41 -12.09 2.12
C14 WUU E . 6.53 -14.25 2.77
C15 WUU E . 13.58 -12.14 7.95
C16 WUU E . 14.53 -11.10 8.49
C17 WUU E . 14.74 -10.13 7.41
C18 WUU E . 13.44 -10.14 6.63
C4 WUU E . 9.62 -12.44 5.28
C5 WUU E . 10.02 -13.28 4.23
C6 WUU E . 11.38 -13.52 4.03
C7 WUU E . 8.96 -13.88 3.32
C8 WUU E . 6.25 -13.14 1.77
C9 WUU E . 6.84 -13.16 0.53
N1 WUU E . 7.55 -13.71 3.65
N2 WUU E . 12.90 -11.53 6.77
O1 WUU E . 9.27 -14.46 2.34
O2 WUU E . 13.41 -13.24 8.37
O3 WUU E . 12.94 -9.24 6.05
CL1 WUU E . 5.46 -9.79 -1.21
CL2 WUU E . 4.65 -12.06 3.74
O19 16C F . 20.70 17.64 -2.87
C19 16C F . 21.44 16.73 -3.03
N2 16C F . 21.71 15.84 -1.88
C2 16C F . 22.60 14.65 -1.82
C1 16C F . 22.14 13.56 -2.77
O1 16C F . 21.27 12.72 -2.10
C3 16C F . 24.08 15.01 -2.02
C4 16C F . 24.62 14.45 -3.37
C5 16C F . 25.63 15.07 -4.00
C6 16C F . 26.18 14.52 -5.35
C7 16C F . 25.92 12.98 -5.56
C8 16C F . 24.65 12.71 -6.41
C9 16C F . 23.70 11.71 -5.74
C10 16C F . 24.43 10.43 -5.27
C11 16C F . 24.25 10.16 -3.76
C12 16C F . 25.58 10.37 -2.97
C13 16C F . 26.50 9.12 -3.03
C14 16C F . 26.30 8.18 -1.84
C15 16C F . 25.89 6.76 -2.27
C16 16C F . 26.41 6.38 -3.68
C17 16C F . 25.33 5.71 -4.55
C18 16C F . 24.55 6.71 -5.39
O3 16C F . 24.26 16.39 -2.00
C20 16C F . 22.08 16.56 -4.44
C21 16C F . 22.26 17.91 -5.17
C22 16C F . 21.54 17.94 -6.57
C23 16C F . 20.15 18.65 -6.49
C24 16C F . 19.12 18.03 -7.48
C25 16C F . 17.90 17.36 -6.73
C26 16C F . 18.36 16.43 -5.56
C27 16C F . 17.97 14.94 -5.82
C28 16C F . 19.04 13.92 -5.26
C29 16C F . 20.04 13.45 -6.37
C30 16C F . 19.32 13.01 -7.68
C31 16C F . 18.36 11.79 -7.47
C32 16C F . 18.03 11.06 -8.80
C33 16C F . 16.61 10.47 -8.80
C34 16C F . 16.14 10.05 -10.20
K K G . -0.48 -0.39 -2.42
K K H . 4.16 0.00 6.43
K K I . 2.48 -0.17 3.27
K K J . 1.22 -0.34 0.80
K K K . -2.28 -1.15 -6.74
C27 R16 L . -15.30 4.03 -14.48
C28 R16 L . -16.11 5.01 -13.63
C29 R16 L . -17.60 4.96 -13.94
C30 R16 L . -18.12 6.28 -14.51
C31 R16 L . -18.89 7.10 -13.48
C32 R16 L . -19.81 6.23 -12.62
C33 R16 L . -21.22 6.10 -13.18
C34 R16 L . -21.80 7.45 -13.60
C35 R16 L . -22.41 7.41 -15.00
C36 R16 L . -23.64 8.30 -15.11
C37 R16 L . -23.38 9.54 -15.98
C38 R16 L . -22.88 10.73 -15.16
C39 R16 L . -23.99 11.43 -14.40
C40 R16 L . -23.88 11.22 -12.89
C41 R16 L . -24.15 12.51 -12.10
C42 R16 L . -23.89 12.35 -10.61
C27 R16 M . -8.76 24.34 -17.18
C28 R16 M . -10.19 24.31 -16.65
C29 R16 M . -10.67 22.88 -16.37
C30 R16 M . -11.60 22.82 -15.15
C31 R16 M . -10.82 22.63 -13.85
C32 R16 M . -10.95 23.83 -12.93
C33 R16 M . -11.74 23.50 -11.67
C34 R16 M . -13.15 24.08 -11.69
C35 R16 M . -14.13 23.20 -12.46
C36 R16 M . -15.26 24.01 -13.11
C37 R16 M . -16.59 23.82 -12.39
C38 R16 M . -16.87 24.94 -11.39
C39 R16 M . -16.38 24.58 -9.98
C40 R16 M . -17.45 24.80 -8.92
C41 R16 M . -16.98 25.71 -7.79
C42 R16 M . -16.08 24.96 -6.80
C27 R16 N . 10.42 -16.98 -5.53
C28 R16 N . 11.06 -18.19 -4.87
C29 R16 N . 11.97 -17.81 -3.71
C30 R16 N . 11.86 -18.80 -2.54
C31 R16 N . 11.46 -18.12 -1.24
C32 R16 N . 12.54 -17.17 -0.73
C33 R16 N . 12.04 -16.26 0.38
C34 R16 N . 13.18 -15.64 1.19
C35 R16 N . 14.26 -16.67 1.54
C36 R16 N . 14.08 -17.25 2.94
C37 R16 N . 14.25 -18.77 2.99
C38 R16 N . 14.03 -19.47 1.64
C39 R16 N . 12.88 -20.47 1.68
C40 R16 N . 12.79 -21.20 3.01
C41 R16 N . 11.42 -21.07 3.65
C42 R16 N . 11.49 -20.55 5.09
C27 R16 O . 15.32 -19.97 -1.97
C28 R16 O . 15.24 -21.38 -1.40
C29 R16 O . 13.84 -21.98 -1.49
C30 R16 O . 13.74 -23.35 -0.81
C31 R16 O . 13.59 -24.48 -1.81
C32 R16 O . 12.44 -25.42 -1.47
C33 R16 O . 11.28 -25.29 -2.45
C34 R16 O . 10.14 -26.27 -2.17
C35 R16 O . 10.60 -27.53 -1.43
C36 R16 O . 10.80 -28.72 -2.36
C37 R16 O . 11.34 -29.94 -1.62
C38 R16 O . 12.30 -30.77 -2.47
C39 R16 O . 12.02 -32.27 -2.38
C40 R16 O . 11.24 -32.79 -3.58
C41 R16 O . 9.78 -33.07 -3.25
C42 R16 O . 8.87 -31.90 -3.60
C27 R16 P . -0.70 -26.88 0.92
C28 R16 P . 0.50 -26.80 1.86
C29 R16 P . 0.62 -25.45 2.55
C30 R16 P . 1.89 -25.36 3.40
C31 R16 P . 2.63 -24.04 3.19
C32 R16 P . 1.92 -22.86 3.83
C33 R16 P . 1.80 -21.65 2.91
C34 R16 P . 0.87 -20.57 3.47
C35 R16 P . -0.25 -20.19 2.51
C36 R16 P . -0.81 -21.38 1.73
C37 R16 P . -1.34 -20.99 0.35
C38 R16 P . -1.63 -22.19 -0.53
C39 R16 P . -3.07 -22.22 -1.04
C40 R16 P . -3.14 -22.25 -2.57
C41 R16 P . -4.22 -23.20 -3.08
C42 R16 P . -4.37 -23.17 -4.59
C27 R16 Q . 1.40 -5.43 -27.56
C28 R16 Q . 0.38 -6.42 -27.01
C29 R16 Q . 0.70 -7.86 -27.43
C30 R16 Q . -0.26 -8.87 -26.79
C31 R16 Q . 0.40 -9.65 -25.66
C32 R16 Q . -0.62 -10.43 -24.83
C33 R16 Q . -0.87 -9.81 -23.46
C34 R16 Q . 0.42 -9.70 -22.63
C35 R16 Q . 0.83 -8.25 -22.38
C36 R16 Q . 2.21 -7.92 -22.97
C37 R16 Q . 3.11 -9.14 -23.10
C38 R16 Q . 4.38 -9.04 -22.25
C39 R16 Q . 4.89 -7.60 -22.14
C40 R16 Q . 6.30 -7.53 -21.56
C41 R16 Q . 6.32 -6.99 -20.14
C42 R16 Q . 7.56 -6.15 -19.84
C27 R16 R . -10.97 16.65 9.88
C28 R16 R . -10.29 15.71 10.88
C29 R16 R . -9.78 16.44 12.12
C30 R16 R . -10.88 17.28 12.78
C31 R16 R . -10.32 18.55 13.42
C32 R16 R . -9.80 18.32 14.84
C33 R16 R . -9.84 19.58 15.69
C34 R16 R . -10.98 19.64 16.70
C35 R16 R . -11.90 18.42 16.66
C36 R16 R . -13.33 18.75 16.23
C37 R16 R . -13.64 20.25 16.25
C38 R16 R . -14.66 20.65 15.18
C39 R16 R . -14.00 21.03 13.86
C40 R16 R . -14.96 20.87 12.68
C41 R16 R . -15.79 19.59 12.76
C42 R16 R . -15.03 18.37 12.25
C27 R16 S . 17.44 -5.27 -14.40
C28 R16 S . 17.42 -6.16 -15.63
C29 R16 S . 16.69 -7.48 -15.39
C30 R16 S . 16.42 -8.28 -16.66
C31 R16 S . 17.39 -7.95 -17.79
C32 R16 S . 17.17 -8.84 -19.03
C33 R16 S . 16.49 -10.16 -18.68
C34 R16 S . 16.30 -11.08 -19.90
C35 R16 S . 16.14 -10.32 -21.21
C36 R16 S . 16.47 -11.19 -22.42
C37 R16 S . 15.41 -12.26 -22.68
C38 R16 S . 15.17 -12.46 -24.17
C39 R16 S . 13.78 -13.01 -24.48
C40 R16 S . 13.72 -13.65 -25.87
C41 R16 S . 12.61 -14.69 -25.99
C42 R16 S . 12.50 -15.26 -27.40
C27 R16 T . 12.24 -4.77 -17.41
C28 R16 T . 13.75 -5.01 -17.36
C29 R16 T . 14.54 -3.73 -17.10
C30 R16 T . 14.46 -2.73 -18.24
C31 R16 T . 15.64 -2.83 -19.21
C32 R16 T . 15.25 -3.50 -20.53
C33 R16 T . 15.49 -5.01 -20.54
C34 R16 T . 14.55 -5.71 -21.50
C35 R16 T . 13.25 -6.17 -20.84
C36 R16 T . 12.68 -7.39 -21.56
C37 R16 T . 11.48 -8.02 -20.87
C38 R16 T . 11.24 -9.45 -21.34
C39 R16 T . 9.79 -9.69 -21.76
C40 R16 T . 9.44 -11.15 -21.93
C41 R16 T . 8.99 -11.49 -23.35
C42 R16 T . 7.46 -11.56 -23.48
C1 WUU U . -2.09 13.25 11.27
C2 WUU U . -1.01 12.51 11.66
C3 WUU U . -0.07 12.14 10.72
C10 WUU U . -3.29 11.53 3.83
C11 WUU U . -2.51 10.44 3.43
C12 WUU U . -1.14 10.48 3.59
C13 WUU U . -0.54 11.59 4.16
C14 WUU U . -0.64 13.88 5.21
C15 WUU U . -0.36 12.89 14.20
C16 WUU U . -0.48 11.99 15.42
C17 WUU U . -1.46 10.96 15.07
C18 WUU U . -1.32 10.76 13.59
C4 WUU U . -0.21 12.53 9.40
C5 WUU U . -1.31 13.32 9.01
C6 WUU U . -2.26 13.66 9.97
C7 WUU U . -1.49 13.75 7.56
C8 WUU U . -1.31 12.67 4.56
C9 WUU U . -2.69 12.64 4.40
N1 WUU U . -0.44 13.49 6.59
N2 WUU U . -0.90 12.10 13.04
O1 WUU U . -2.49 14.28 7.22
O2 WUU U . 0.05 13.99 14.17
O3 WUU U . -1.51 9.77 12.96
CL1 WUU U . -3.29 9.03 2.70
CL2 WUU U . 1.23 11.64 4.39
C27 R16 V . -8.69 22.13 10.05
C28 R16 V . -7.19 21.87 10.20
C29 R16 V . -6.76 20.57 9.52
C30 R16 V . -5.79 19.77 10.39
C31 R16 V . -6.39 18.43 10.83
C32 R16 V . -5.66 17.23 10.23
C33 R16 V . -6.51 16.46 9.24
C34 R16 V . -6.62 17.16 7.89
C35 R16 V . -8.06 17.59 7.57
C36 R16 V . -8.28 17.80 6.08
C37 R16 V . -9.44 16.96 5.55
C38 R16 V . -9.89 17.41 4.15
C39 R16 V . -9.19 16.65 3.03
C40 R16 V . -10.04 15.53 2.44
C41 R16 V . -9.61 15.16 1.02
C42 R16 V . -10.04 13.76 0.62
C27 R16 W . -17.29 -8.51 17.27
C28 R16 W . -16.10 -7.62 17.63
C29 R16 W . -16.44 -6.59 18.70
C30 R16 W . -15.54 -6.71 19.92
C31 R16 W . -15.03 -5.36 20.41
C32 R16 W . -16.16 -4.41 20.82
C33 R16 W . -16.10 -4.01 22.30
C34 R16 W . -15.95 -5.21 23.22
C35 R16 W . -17.24 -5.55 23.96
C36 R16 W . -17.51 -4.60 25.12
C37 R16 W . -16.76 -5.01 26.39
C38 R16 W . -16.82 -3.93 27.48
C39 R16 W . -16.00 -2.70 27.13
C40 R16 W . -14.56 -3.03 26.77
C41 R16 W . -14.05 -2.27 25.54
C42 R16 W . -14.71 -0.91 25.36
CD CD X . 3.54 11.79 18.94
#